data_5QJX
#
_entry.id   5QJX
#
_cell.length_a   48.520
_cell.length_b   59.520
_cell.length_c   80.620
_cell.angle_alpha   79.680
_cell.angle_beta   82.360
_cell.angle_gamma   76.360
#
_symmetry.space_group_name_H-M   'P 1'
#
loop_
_entity.id
_entity.type
_entity.pdbx_description
1 polymer 'ADP-sugar pyrophosphatase'
2 non-polymer 'MAGNESIUM ION'
3 non-polymer 'CHLORIDE ION'
4 non-polymer 1,2-ETHANEDIOL
5 non-polymer '2-(trifluoromethoxy)benzoic acid'
6 water water
#
_entity_poly.entity_id   1
_entity_poly.type   'polypeptide(L)'
_entity_poly.pdbx_seq_one_letter_code
;SMESQEPTESSQNGKQYIISEELISEGKWVKLEKTTYMDPTGKTRTWESVKRTTRKEQTADGVAVIPVLQRTLHYECIVL
VKQFRPPMGGYCIEFPAGLIDDGETPEAAALRELEEETGYKGDIAECSPAVCMDPGLSNCTIHIVTVTINGDDAENARPK
PKPGDGEFVEVISLPKNDLLQRLDALVAEEHLTVDARVYSYALALKHAN
;
_entity_poly.pdbx_strand_id   A,B,C,D
#
# COMPACT_ATOMS: atom_id res chain seq x y z
N LYS A 15 -32.75 -26.98 19.64
CA LYS A 15 -32.97 -28.47 19.83
C LYS A 15 -31.73 -29.19 20.38
N GLN A 16 -30.53 -28.77 19.95
CA GLN A 16 -29.29 -29.49 20.39
C GLN A 16 -28.83 -28.96 21.72
N TYR A 17 -28.29 -29.86 22.54
CA TYR A 17 -27.70 -29.46 23.82
C TYR A 17 -26.69 -30.53 24.31
N ILE A 18 -25.86 -30.11 25.23
CA ILE A 18 -24.85 -30.93 25.90
C ILE A 18 -25.50 -31.83 26.95
N ILE A 19 -25.21 -33.12 26.87
CA ILE A 19 -25.59 -34.12 27.91
C ILE A 19 -24.51 -34.25 28.99
N SER A 20 -23.26 -34.51 28.59
CA SER A 20 -22.19 -34.57 29.58
C SER A 20 -20.82 -34.21 29.02
N GLU A 21 -19.92 -33.81 29.91
CA GLU A 21 -18.51 -33.46 29.57
C GLU A 21 -17.63 -34.26 30.54
N GLU A 22 -16.82 -35.18 30.00
CA GLU A 22 -16.01 -36.12 30.76
C GLU A 22 -14.56 -35.76 30.53
N LEU A 23 -13.83 -35.47 31.59
CA LEU A 23 -12.40 -35.12 31.49
C LEU A 23 -11.60 -36.35 30.97
N ILE A 24 -10.85 -36.17 29.89
CA ILE A 24 -9.92 -37.15 29.39
C ILE A 24 -8.48 -36.88 29.89
N SER A 25 -8.02 -35.64 29.84
CA SER A 25 -6.67 -35.31 30.31
C SER A 25 -6.62 -33.84 30.64
N GLU A 26 -6.01 -33.49 31.77
CA GLU A 26 -5.92 -32.09 32.23
C GLU A 26 -4.48 -31.76 32.45
N GLY A 27 -3.98 -30.67 31.84
CA GLY A 27 -2.67 -30.13 32.17
C GLY A 27 -2.79 -28.92 33.04
N LYS A 28 -1.72 -28.14 33.13
CA LYS A 28 -1.79 -26.90 33.92
C LYS A 28 -2.55 -25.82 33.19
N TRP A 29 -2.52 -25.88 31.86
CA TRP A 29 -3.10 -24.82 31.04
C TRP A 29 -4.28 -25.20 30.09
N VAL A 30 -4.30 -26.43 29.62
CA VAL A 30 -5.29 -26.94 28.68
C VAL A 30 -5.79 -28.32 29.09
N LYS A 31 -7.03 -28.64 28.75
CA LYS A 31 -7.59 -29.96 29.02
C LYS A 31 -8.38 -30.44 27.81
N LEU A 32 -8.42 -31.74 27.63
CA LEU A 32 -9.19 -32.41 26.64
C LEU A 32 -10.38 -33.15 27.32
N GLU A 33 -11.56 -32.99 26.72
CA GLU A 33 -12.85 -33.56 27.17
C GLU A 33 -13.55 -34.35 26.09
N LYS A 34 -14.26 -35.40 26.50
CA LYS A 34 -15.14 -36.14 25.63
C LYS A 34 -16.50 -35.53 25.93
N THR A 35 -17.09 -34.91 24.92
CA THR A 35 -18.33 -34.18 25.07
C THR A 35 -19.47 -35.10 24.55
N THR A 36 -20.52 -35.33 25.34
CA THR A 36 -21.72 -36.06 24.85
C THR A 36 -22.84 -35.05 24.71
N TYR A 37 -23.40 -34.96 23.52
CA TYR A 37 -24.53 -34.07 23.19
C TYR A 37 -25.71 -34.76 22.45
N MET A 38 -26.88 -34.13 22.51
CA MET A 38 -28.08 -34.57 21.78
C MET A 38 -28.22 -33.87 20.44
N ASP A 39 -28.28 -34.67 19.39
CA ASP A 39 -28.46 -34.14 18.05
C ASP A 39 -29.95 -33.83 17.83
N PRO A 40 -30.30 -33.14 16.74
CA PRO A 40 -31.67 -32.67 16.55
C PRO A 40 -32.71 -33.72 16.14
N THR A 41 -32.26 -34.91 15.75
CA THR A 41 -33.10 -36.10 15.54
C THR A 41 -33.27 -36.93 16.84
N GLY A 42 -32.82 -36.41 17.99
CA GLY A 42 -32.87 -37.14 19.26
C GLY A 42 -31.78 -38.20 19.51
N LYS A 43 -30.81 -38.37 18.61
CA LYS A 43 -29.67 -39.30 18.84
C LYS A 43 -28.51 -38.66 19.65
N THR A 44 -27.98 -39.43 20.60
CA THR A 44 -26.84 -39.06 21.42
C THR A 44 -25.53 -39.20 20.51
N ARG A 45 -24.64 -38.19 20.50
CA ARG A 45 -23.33 -38.27 19.82
C ARG A 45 -22.20 -37.69 20.68
N THR A 46 -20.95 -37.95 20.31
CA THR A 46 -19.80 -37.52 21.15
C THR A 46 -18.85 -36.61 20.30
N TRP A 47 -18.03 -35.89 20.97
CA TRP A 47 -17.08 -34.98 20.28
C TRP A 47 -15.93 -34.88 21.20
N GLU A 48 -14.71 -34.66 20.70
CA GLU A 48 -13.57 -34.35 21.55
C GLU A 48 -13.28 -32.86 21.60
N SER A 49 -13.33 -32.28 22.78
CA SER A 49 -13.35 -30.82 22.90
C SER A 49 -12.16 -30.42 23.70
N VAL A 50 -11.56 -29.28 23.32
CA VAL A 50 -10.54 -28.67 24.12
C VAL A 50 -11.03 -27.46 24.91
N LYS A 51 -10.47 -27.26 26.12
CA LYS A 51 -10.74 -26.04 26.92
C LYS A 51 -9.49 -25.56 27.63
N ARG A 52 -9.45 -24.29 27.97
CA ARG A 52 -8.43 -23.84 28.85
C ARG A 52 -8.87 -24.13 30.31
N THR A 53 -7.89 -24.29 31.18
CA THR A 53 -8.11 -24.48 32.61
C THR A 53 -8.20 -23.17 33.35
N THR A 54 -7.72 -22.08 32.75
CA THR A 54 -7.61 -20.77 33.31
C THR A 54 -8.86 -19.91 33.37
N ARG A 55 -9.99 -20.32 32.80
CA ARG A 55 -11.11 -19.43 32.71
C ARG A 55 -11.96 -19.46 33.99
N LYS A 56 -12.13 -18.30 34.61
CA LYS A 56 -12.84 -18.19 35.89
C LYS A 56 -14.22 -17.59 35.62
N GLU A 57 -14.42 -16.33 36.05
CA GLU A 57 -15.68 -15.62 35.78
C GLU A 57 -15.59 -14.64 34.59
N GLN A 58 -14.44 -14.57 33.91
CA GLN A 58 -14.29 -13.71 32.73
C GLN A 58 -15.34 -14.08 31.67
N THR A 59 -15.74 -13.09 30.90
CA THR A 59 -16.75 -13.28 29.85
C THR A 59 -16.12 -14.04 28.65
N ALA A 60 -14.81 -14.26 28.72
CA ALA A 60 -14.03 -14.81 27.63
C ALA A 60 -12.67 -15.19 28.17
N ASP A 61 -11.95 -16.04 27.45
CA ASP A 61 -10.64 -16.36 27.87
C ASP A 61 -9.69 -15.16 27.78
N GLY A 62 -9.83 -14.41 26.69
CA GLY A 62 -8.85 -13.44 26.31
C GLY A 62 -9.40 -12.24 25.55
N VAL A 63 -8.48 -11.36 25.17
CA VAL A 63 -8.78 -10.32 24.26
C VAL A 63 -7.76 -10.31 23.13
N ALA A 64 -8.18 -9.77 22.01
CA ALA A 64 -7.25 -9.39 20.89
C ALA A 64 -7.59 -7.92 20.59
N VAL A 65 -6.56 -7.15 20.34
CA VAL A 65 -6.70 -5.73 20.18
C VAL A 65 -6.43 -5.43 18.69
N ILE A 66 -7.39 -4.76 18.07
CA ILE A 66 -7.20 -4.07 16.77
C ILE A 66 -6.75 -2.62 17.03
N PRO A 67 -5.44 -2.33 17.00
CA PRO A 67 -4.90 -1.03 17.35
C PRO A 67 -4.66 -0.15 16.09
N VAL A 68 -5.50 0.83 15.89
CA VAL A 68 -5.43 1.74 14.72
C VAL A 68 -4.58 2.94 15.12
N LEU A 69 -3.34 2.98 14.64
CA LEU A 69 -2.44 4.06 14.98
C LEU A 69 -2.74 5.20 14.05
N GLN A 70 -3.07 6.37 14.64
CA GLN A 70 -3.56 7.55 13.92
C GLN A 70 -2.59 8.67 14.10
N ARG A 71 -2.10 9.30 13.01
CA ARG A 71 -1.21 10.45 13.11
C ARG A 71 -1.46 11.39 11.95
N THR A 72 -1.21 12.67 12.23
CA THR A 72 -1.50 13.75 11.28
C THR A 72 -0.56 13.56 10.11
N LEU A 73 -1.09 13.63 8.88
CA LEU A 73 -0.24 13.53 7.67
C LEU A 73 0.41 12.15 7.49
N HIS A 74 -0.20 11.13 8.14
CA HIS A 74 0.18 9.70 7.95
C HIS A 74 -1.08 8.90 7.66
N TYR A 75 -0.89 7.87 6.83
CA TYR A 75 -1.93 6.93 6.61
C TYR A 75 -2.03 6.16 7.95
N GLU A 76 -3.26 5.74 8.25
CA GLU A 76 -3.54 4.96 9.47
C GLU A 76 -2.80 3.64 9.33
N CYS A 77 -2.32 3.13 10.46
CA CYS A 77 -1.59 1.88 10.54
C CYS A 77 -2.30 0.93 11.47
N ILE A 78 -2.28 -0.35 11.10
CA ILE A 78 -2.63 -1.41 12.01
C ILE A 78 -1.36 -1.88 12.69
N VAL A 79 -1.36 -1.86 14.02
CA VAL A 79 -0.23 -2.31 14.82
C VAL A 79 -0.36 -3.86 15.12
N LEU A 80 0.62 -4.62 14.70
CA LEU A 80 0.64 -6.06 14.89
C LEU A 80 1.91 -6.46 15.61
N VAL A 81 1.91 -7.71 16.07
CA VAL A 81 3.06 -8.24 16.79
C VAL A 81 3.50 -9.56 16.22
N LYS A 82 4.78 -9.81 16.31
CA LYS A 82 5.39 -11.06 15.81
C LYS A 82 6.05 -11.74 16.98
N GLN A 83 5.78 -13.03 17.14
CA GLN A 83 6.30 -13.81 18.28
C GLN A 83 6.48 -15.24 17.83
N PHE A 84 7.37 -15.94 18.52
CA PHE A 84 7.50 -17.37 18.40
C PHE A 84 6.29 -18.00 19.14
N ARG A 85 5.64 -18.87 18.45
CA ARG A 85 4.53 -19.65 18.96
C ARG A 85 4.84 -21.15 19.03
N PRO A 86 5.13 -21.65 20.25
CA PRO A 86 5.50 -23.06 20.33
C PRO A 86 4.55 -24.06 19.70
N PRO A 87 3.22 -23.89 19.78
CA PRO A 87 2.36 -24.89 19.07
C PRO A 87 2.54 -24.92 17.58
N MET A 88 2.87 -23.75 17.02
CA MET A 88 3.13 -23.62 15.59
C MET A 88 4.54 -24.02 15.16
N GLY A 89 5.50 -24.18 16.09
CA GLY A 89 6.93 -24.33 15.73
C GLY A 89 7.53 -23.18 14.93
N GLY A 90 6.99 -21.97 15.10
CA GLY A 90 7.51 -20.83 14.38
C GLY A 90 6.87 -19.52 14.78
N TYR A 91 7.24 -18.48 14.05
CA TYR A 91 6.82 -17.12 14.30
C TYR A 91 5.51 -16.80 13.62
N CYS A 92 4.71 -15.99 14.28
CA CYS A 92 3.36 -15.69 13.79
C CYS A 92 3.16 -14.24 13.94
N ILE A 93 2.42 -13.66 12.97
CA ILE A 93 1.96 -12.28 13.02
C ILE A 93 0.52 -12.21 13.43
N GLU A 94 0.28 -11.45 14.49
CA GLU A 94 -1.04 -11.47 15.15
C GLU A 94 -1.42 -10.10 15.66
N PHE A 95 -2.69 -9.94 15.96
CA PHE A 95 -3.10 -8.78 16.80
C PHE A 95 -2.52 -8.95 18.21
N PRO A 96 -2.06 -7.85 18.84
CA PRO A 96 -1.77 -7.98 20.29
C PRO A 96 -2.90 -8.62 21.06
N ALA A 97 -2.55 -9.53 21.97
CA ALA A 97 -3.56 -10.39 22.59
C ALA A 97 -3.00 -10.94 23.92
N GLY A 98 -3.91 -11.22 24.84
CA GLY A 98 -3.61 -11.97 26.04
C GLY A 98 -4.86 -12.40 26.77
N LEU A 99 -4.63 -13.25 27.78
CA LEU A 99 -5.72 -13.71 28.55
C LEU A 99 -6.20 -12.58 29.49
N ILE A 100 -7.46 -12.63 29.84
CA ILE A 100 -8.05 -11.62 30.73
C ILE A 100 -7.76 -12.02 32.18
N ASP A 101 -7.18 -11.12 32.99
CA ASP A 101 -6.88 -11.51 34.41
C ASP A 101 -8.17 -11.62 35.21
N ASP A 102 -8.18 -12.46 36.27
CA ASP A 102 -9.32 -12.54 37.20
C ASP A 102 -9.72 -11.16 37.68
N GLY A 103 -10.97 -10.77 37.44
CA GLY A 103 -11.54 -9.47 37.84
C GLY A 103 -11.29 -8.32 36.90
N GLU A 104 -10.47 -8.53 35.87
CA GLU A 104 -10.13 -7.51 34.87
C GLU A 104 -11.26 -7.48 33.82
N THR A 105 -11.67 -6.26 33.46
CA THR A 105 -12.57 -6.07 32.35
C THR A 105 -11.81 -6.33 30.95
N PRO A 106 -12.54 -6.71 29.92
CA PRO A 106 -11.92 -6.88 28.57
C PRO A 106 -11.20 -5.63 28.14
N GLU A 107 -11.83 -4.48 28.31
CA GLU A 107 -11.22 -3.18 27.93
C GLU A 107 -9.92 -2.91 28.65
N ALA A 108 -9.87 -3.21 29.94
CA ALA A 108 -8.63 -2.95 30.72
C ALA A 108 -7.55 -3.91 30.27
N ALA A 109 -7.95 -5.16 30.03
CA ALA A 109 -6.98 -6.17 29.61
C ALA A 109 -6.41 -5.78 28.23
N ALA A 110 -7.27 -5.34 27.31
CA ALA A 110 -6.82 -4.85 25.93
C ALA A 110 -5.83 -3.70 26.01
N LEU A 111 -6.19 -2.71 26.80
CA LEU A 111 -5.26 -1.59 26.98
C LEU A 111 -3.98 -2.03 27.58
N ARG A 112 -4.05 -2.91 28.60
CA ARG A 112 -2.86 -3.42 29.30
C ARG A 112 -1.96 -4.24 28.38
N GLU A 113 -2.58 -5.16 27.67
CA GLU A 113 -1.82 -6.01 26.71
C GLU A 113 -1.19 -5.21 25.61
N LEU A 114 -1.94 -4.23 25.07
CA LEU A 114 -1.40 -3.38 24.03
C LEU A 114 -0.16 -2.64 24.56
N GLU A 115 -0.23 -2.10 25.77
CA GLU A 115 0.96 -1.37 26.31
C GLU A 115 2.11 -2.32 26.60
N GLU A 116 1.83 -3.49 27.18
CA GLU A 116 2.89 -4.46 27.44
C GLU A 116 3.64 -4.94 26.19
N GLU A 117 2.88 -5.24 25.15
CA GLU A 117 3.39 -5.83 23.90
C GLU A 117 4.06 -4.81 22.99
N THR A 118 3.51 -3.60 22.92
CA THR A 118 3.96 -2.58 21.96
C THR A 118 4.52 -1.27 22.48
N GLY A 119 4.27 -0.95 23.73
CA GLY A 119 4.61 0.34 24.28
C GLY A 119 3.54 1.39 24.03
N TYR A 120 2.55 1.16 23.13
CA TYR A 120 1.50 2.14 22.91
C TYR A 120 0.40 2.24 24.02
N LYS A 121 -0.03 3.49 24.27
CA LYS A 121 -1.19 3.78 25.09
C LYS A 121 -2.32 4.16 24.23
N GLY A 122 -3.36 3.32 24.20
CA GLY A 122 -4.46 3.57 23.33
C GLY A 122 -5.66 4.11 24.03
N ASP A 123 -6.66 4.43 23.23
CA ASP A 123 -7.99 4.83 23.73
C ASP A 123 -8.97 3.78 23.20
N ILE A 124 -9.84 3.29 24.06
CA ILE A 124 -10.92 2.40 23.63
C ILE A 124 -11.80 3.02 22.59
N ALA A 125 -12.11 2.26 21.50
CA ALA A 125 -13.15 2.65 20.57
C ALA A 125 -14.34 1.77 20.67
N GLU A 126 -14.15 0.45 20.68
CA GLU A 126 -15.30 -0.47 20.74
C GLU A 126 -14.85 -1.85 21.20
N CYS A 127 -15.77 -2.62 21.72
CA CYS A 127 -15.44 -3.92 22.34
C CYS A 127 -16.47 -4.89 21.83
N SER A 128 -16.08 -6.02 21.24
CA SER A 128 -17.08 -6.96 20.70
C SER A 128 -17.67 -7.79 21.84
N PRO A 129 -18.79 -8.49 21.62
CA PRO A 129 -19.13 -9.59 22.52
C PRO A 129 -18.07 -10.70 22.38
N ALA A 130 -18.18 -11.70 23.26
CA ALA A 130 -17.31 -12.88 23.23
C ALA A 130 -17.42 -13.58 21.89
N VAL A 131 -16.31 -13.73 21.16
CA VAL A 131 -16.39 -14.46 19.83
C VAL A 131 -15.52 -15.71 19.91
N CYS A 132 -15.90 -16.77 19.21
CA CYS A 132 -15.21 -18.07 19.35
C CYS A 132 -13.98 -18.17 18.45
N MET A 133 -12.90 -18.73 18.98
CA MET A 133 -11.67 -18.86 18.24
C MET A 133 -11.70 -20.03 17.23
N ASP A 134 -12.26 -21.19 17.58
CA ASP A 134 -12.18 -22.38 16.67
C ASP A 134 -13.18 -23.35 17.17
N PRO A 135 -14.44 -23.08 16.85
CA PRO A 135 -15.53 -23.66 17.70
C PRO A 135 -15.76 -25.17 17.43
N GLY A 136 -15.28 -25.70 16.32
CA GLY A 136 -15.25 -27.18 16.14
C GLY A 136 -14.20 -27.92 16.97
N LEU A 137 -13.24 -27.19 17.52
CA LEU A 137 -12.24 -27.75 18.34
C LEU A 137 -12.31 -27.40 19.88
N SER A 138 -12.51 -26.11 20.22
CA SER A 138 -12.37 -25.62 21.57
C SER A 138 -13.51 -24.74 21.96
N ASN A 139 -13.54 -24.42 23.25
CA ASN A 139 -14.49 -23.48 23.73
C ASN A 139 -13.91 -22.05 23.79
N CYS A 140 -12.70 -21.82 23.35
CA CYS A 140 -12.01 -20.58 23.65
C CYS A 140 -12.70 -19.40 22.98
N THR A 141 -12.80 -18.31 23.73
CA THR A 141 -13.44 -17.13 23.27
C THR A 141 -12.55 -15.92 23.61
N ILE A 142 -12.78 -14.84 22.85
CA ILE A 142 -12.15 -13.55 23.12
C ILE A 142 -13.11 -12.46 22.91
N HIS A 143 -12.72 -11.27 23.44
CA HIS A 143 -13.30 -10.02 22.99
C HIS A 143 -12.31 -9.42 22.07
N ILE A 144 -12.81 -8.90 20.97
CA ILE A 144 -12.00 -8.15 20.02
C ILE A 144 -12.30 -6.67 20.33
N VAL A 145 -11.26 -5.99 20.73
CA VAL A 145 -11.36 -4.64 21.23
C VAL A 145 -10.65 -3.73 20.28
N THR A 146 -11.38 -2.84 19.67
CA THR A 146 -10.78 -1.83 18.79
C THR A 146 -10.28 -0.65 19.62
N VAL A 147 -9.03 -0.23 19.42
CA VAL A 147 -8.42 0.84 20.17
C VAL A 147 -7.76 1.77 19.16
N THR A 148 -8.00 3.06 19.30
CA THR A 148 -7.18 4.06 18.59
C THR A 148 -5.92 4.50 19.38
N ILE A 149 -4.84 4.77 18.66
CA ILE A 149 -3.64 5.24 19.25
C ILE A 149 -3.41 6.60 18.64
N ASN A 150 -3.32 7.59 19.53
CA ASN A 150 -3.03 8.90 19.05
C ASN A 150 -1.52 8.94 19.02
N GLY A 151 -0.97 8.75 17.81
CA GLY A 151 0.48 8.71 17.58
C GLY A 151 1.15 10.10 17.63
N ASP A 152 0.37 11.17 17.65
CA ASP A 152 0.97 12.51 17.81
C ASP A 152 1.20 12.86 19.27
N ASP A 153 0.62 12.07 20.18
CA ASP A 153 0.83 12.33 21.59
C ASP A 153 2.28 11.92 21.99
N ALA A 154 2.91 12.72 22.85
CA ALA A 154 4.29 12.44 23.27
C ALA A 154 4.40 11.11 24.01
N GLU A 155 3.36 10.76 24.79
CA GLU A 155 3.22 9.42 25.41
C GLU A 155 3.54 8.28 24.45
N ASN A 156 3.26 8.48 23.16
CA ASN A 156 3.37 7.45 22.13
C ASN A 156 4.50 7.68 21.13
N ALA A 157 5.47 8.52 21.54
CA ALA A 157 6.54 9.03 20.65
C ALA A 157 7.53 7.93 20.32
N ARG A 158 8.19 7.42 21.35
CA ARG A 158 9.23 6.42 21.18
C ARG A 158 8.89 5.25 22.15
N PRO A 159 7.73 4.58 21.93
CA PRO A 159 7.12 3.66 22.93
C PRO A 159 8.01 2.46 23.36
N LYS A 160 8.20 2.26 24.67
CA LYS A 160 8.87 1.04 25.24
C LYS A 160 7.88 -0.14 25.61
N PRO A 161 7.94 -1.27 24.87
CA PRO A 161 7.20 -2.44 25.36
C PRO A 161 7.70 -2.90 26.73
N LYS A 162 6.77 -3.37 27.57
CA LYS A 162 7.07 -3.98 28.88
C LYS A 162 6.71 -5.48 28.85
N PRO A 163 7.50 -6.30 28.12
CA PRO A 163 7.14 -7.72 28.03
C PRO A 163 7.29 -8.47 29.36
N GLY A 164 6.35 -9.36 29.65
CA GLY A 164 6.39 -10.18 30.87
C GLY A 164 7.48 -11.24 30.96
N ASP A 165 7.31 -12.17 31.90
CA ASP A 165 8.21 -13.32 32.05
C ASP A 165 8.10 -14.24 30.82
N GLY A 166 9.22 -14.41 30.12
CA GLY A 166 9.26 -15.29 28.94
C GLY A 166 8.39 -14.81 27.78
N GLU A 167 8.41 -13.50 27.53
CA GLU A 167 7.64 -12.86 26.44
C GLU A 167 8.60 -12.04 25.61
N PHE A 168 8.65 -12.33 24.32
CA PHE A 168 9.62 -11.77 23.38
C PHE A 168 8.88 -11.42 22.08
N VAL A 169 8.43 -10.17 22.01
CA VAL A 169 7.54 -9.73 20.96
C VAL A 169 8.15 -8.61 20.12
N GLU A 170 7.95 -8.68 18.82
CA GLU A 170 8.38 -7.65 17.89
C GLU A 170 7.14 -6.92 17.35
N VAL A 171 7.22 -5.59 17.21
CA VAL A 171 6.10 -4.78 16.76
C VAL A 171 6.23 -4.49 15.29
N ILE A 172 5.11 -4.63 14.57
CA ILE A 172 5.02 -4.43 13.11
C ILE A 172 3.81 -3.61 12.76
N SER A 173 4.02 -2.35 12.37
CA SER A 173 2.93 -1.45 11.95
C SER A 173 2.79 -1.31 10.44
N LEU A 174 1.64 -1.70 9.88
CA LEU A 174 1.39 -1.77 8.44
C LEU A 174 0.25 -0.83 8.10
N PRO A 175 0.29 -0.10 6.92
CA PRO A 175 -0.82 0.75 6.60
C PRO A 175 -2.06 -0.03 6.40
N LYS A 176 -3.14 0.54 6.91
CA LYS A 176 -4.46 -0.02 6.77
C LYS A 176 -4.87 -0.08 5.30
N ASN A 177 -4.42 0.94 4.55
CA ASN A 177 -4.76 1.06 3.13
C ASN A 177 -4.02 0.06 2.25
N ASP A 178 -3.04 -0.65 2.78
CA ASP A 178 -2.35 -1.67 1.96
C ASP A 178 -2.12 -2.95 2.75
N LEU A 179 -3.01 -3.25 3.71
CA LEU A 179 -2.69 -4.26 4.71
C LEU A 179 -2.42 -5.66 4.08
N LEU A 180 -3.39 -6.16 3.32
CA LEU A 180 -3.29 -7.50 2.74
C LEU A 180 -2.00 -7.64 1.92
N GLN A 181 -1.62 -6.60 1.17
CA GLN A 181 -0.44 -6.73 0.31
C GLN A 181 0.82 -6.75 1.11
N ARG A 182 0.86 -5.96 2.18
CA ARG A 182 2.04 -5.91 3.02
C ARG A 182 2.24 -7.21 3.82
N LEU A 183 1.13 -7.83 4.19
CA LEU A 183 1.14 -9.15 4.85
C LEU A 183 1.60 -10.22 3.82
N ASP A 184 1.01 -10.26 2.64
CA ASP A 184 1.50 -11.15 1.57
C ASP A 184 3.03 -10.95 1.35
N ALA A 185 3.51 -9.72 1.32
CA ALA A 185 4.97 -9.49 1.24
C ALA A 185 5.79 -10.07 2.38
N LEU A 186 5.28 -9.99 3.61
CA LEU A 186 5.98 -10.56 4.75
C LEU A 186 6.04 -12.06 4.69
N VAL A 187 4.97 -12.70 4.26
CA VAL A 187 4.90 -14.15 4.15
C VAL A 187 5.88 -14.58 3.05
N ALA A 188 5.98 -13.77 1.99
CA ALA A 188 6.96 -14.06 0.93
C ALA A 188 8.45 -13.84 1.31
N GLU A 189 8.78 -12.89 2.20
CA GLU A 189 10.20 -12.57 2.56
C GLU A 189 10.72 -13.33 3.77
N GLU A 190 9.83 -13.73 4.70
CA GLU A 190 10.25 -14.26 6.02
C GLU A 190 9.71 -15.66 6.32
N HIS A 191 8.85 -16.22 5.49
CA HIS A 191 8.18 -17.52 5.76
C HIS A 191 7.63 -17.66 7.24
N LEU A 192 6.91 -16.62 7.67
CA LEU A 192 6.19 -16.63 8.91
C LEU A 192 4.73 -16.95 8.63
N THR A 193 3.91 -17.11 9.68
CA THR A 193 2.47 -17.40 9.48
C THR A 193 1.64 -16.16 9.96
N VAL A 194 0.61 -15.82 9.22
CA VAL A 194 -0.30 -14.76 9.57
C VAL A 194 -1.49 -15.40 10.29
N ASP A 195 -1.90 -14.77 11.39
CA ASP A 195 -3.15 -15.15 12.09
C ASP A 195 -4.37 -15.05 11.27
N ALA A 196 -5.28 -16.01 11.47
CA ALA A 196 -6.50 -15.97 10.65
C ALA A 196 -7.36 -14.74 10.84
N ARG A 197 -7.38 -14.18 12.03
CA ARG A 197 -8.24 -13.02 12.29
C ARG A 197 -7.58 -11.82 11.63
N VAL A 198 -6.28 -11.72 11.69
CA VAL A 198 -5.61 -10.64 11.03
C VAL A 198 -5.80 -10.73 9.50
N TYR A 199 -5.77 -11.93 8.95
CA TYR A 199 -5.98 -12.12 7.51
C TYR A 199 -7.41 -11.82 7.07
N SER A 200 -8.36 -12.20 7.88
CA SER A 200 -9.77 -11.92 7.61
C SER A 200 -10.06 -10.43 7.59
N TYR A 201 -9.42 -9.73 8.50
CA TYR A 201 -9.53 -8.26 8.56
C TYR A 201 -8.90 -7.56 7.31
N ALA A 202 -7.68 -7.91 6.97
CA ALA A 202 -7.02 -7.48 5.74
C ALA A 202 -7.78 -7.79 4.44
N LEU A 203 -8.40 -8.94 4.34
CA LEU A 203 -9.30 -9.27 3.23
C LEU A 203 -10.51 -8.33 3.15
N ALA A 204 -11.23 -8.16 4.28
CA ALA A 204 -12.35 -7.22 4.29
C ALA A 204 -11.92 -5.78 3.95
N LEU A 205 -10.74 -5.31 4.38
CA LEU A 205 -10.30 -4.02 4.02
C LEU A 205 -10.19 -3.91 2.46
N LYS A 206 -9.59 -4.91 1.85
CA LYS A 206 -9.59 -5.04 0.40
C LYS A 206 -10.94 -5.10 -0.21
N HIS A 207 -11.83 -5.96 0.26
CA HIS A 207 -13.15 -6.17 -0.34
C HIS A 207 -14.09 -4.96 -0.23
N ALA A 208 -13.83 -4.05 0.71
CA ALA A 208 -14.58 -2.85 0.81
C ALA A 208 -13.86 -1.80 -0.06
N LYS B 15 16.36 -17.94 16.13
CA LYS B 15 16.95 -18.05 17.51
C LYS B 15 15.99 -18.77 18.49
N GLN B 16 14.67 -18.74 18.31
CA GLN B 16 13.79 -19.65 19.11
C GLN B 16 13.49 -20.88 18.28
N TYR B 17 13.44 -22.05 18.93
CA TYR B 17 13.19 -23.28 18.22
C TYR B 17 12.64 -24.35 19.17
N ILE B 18 12.01 -25.35 18.55
CA ILE B 18 11.47 -26.52 19.21
C ILE B 18 12.56 -27.58 19.44
N ILE B 19 12.66 -28.02 20.68
CA ILE B 19 13.62 -29.06 21.07
C ILE B 19 12.93 -30.44 21.07
N SER B 20 11.73 -30.57 21.63
CA SER B 20 10.98 -31.84 21.59
C SER B 20 9.53 -31.69 21.95
N GLU B 21 8.75 -32.74 21.63
CA GLU B 21 7.28 -32.73 21.77
C GLU B 21 6.94 -34.04 22.43
N GLU B 22 6.43 -33.95 23.64
CA GLU B 22 5.96 -35.06 24.43
C GLU B 22 4.42 -35.29 24.30
N LEU B 23 4.01 -36.41 23.75
CA LEU B 23 2.57 -36.73 23.74
C LEU B 23 1.95 -36.88 25.10
N ILE B 24 0.92 -36.10 25.42
CA ILE B 24 0.29 -36.19 26.74
C ILE B 24 -0.96 -37.08 26.58
N SER B 25 -1.71 -36.91 25.51
CA SER B 25 -3.00 -37.62 25.32
C SER B 25 -3.44 -37.50 23.88
N GLU B 26 -3.84 -38.61 23.26
CA GLU B 26 -4.25 -38.70 21.87
C GLU B 26 -5.63 -39.30 21.87
N GLY B 27 -6.60 -38.52 21.40
CA GLY B 27 -7.92 -39.05 21.08
C GLY B 27 -7.95 -39.45 19.63
N LYS B 28 -9.15 -39.70 19.12
CA LYS B 28 -9.34 -39.97 17.71
C LYS B 28 -9.11 -38.75 16.78
N TRP B 29 -9.39 -37.54 17.27
CA TRP B 29 -9.35 -36.35 16.46
C TRP B 29 -8.34 -35.28 16.96
N VAL B 30 -7.96 -35.37 18.23
CA VAL B 30 -7.29 -34.27 18.90
C VAL B 30 -6.31 -34.87 19.82
N LYS B 31 -5.12 -34.28 19.90
CA LYS B 31 -4.15 -34.68 20.85
C LYS B 31 -3.58 -33.49 21.56
N LEU B 32 -3.13 -33.74 22.77
CA LEU B 32 -2.52 -32.78 23.61
C LEU B 32 -1.07 -33.16 23.76
N GLU B 33 -0.19 -32.16 23.67
CA GLU B 33 1.25 -32.36 23.66
C GLU B 33 1.94 -31.34 24.55
N LYS B 34 3.09 -31.68 25.07
CA LYS B 34 3.85 -30.69 25.84
C LYS B 34 5.13 -30.42 25.02
N THR B 35 5.26 -29.18 24.58
CA THR B 35 6.35 -28.76 23.74
C THR B 35 7.48 -28.17 24.56
N THR B 36 8.67 -28.71 24.37
CA THR B 36 9.85 -28.00 24.93
C THR B 36 10.48 -27.11 23.88
N TYR B 37 10.87 -25.89 24.26
CA TYR B 37 11.46 -24.97 23.25
C TYR B 37 12.52 -24.07 23.93
N MET B 38 13.34 -23.51 23.10
CA MET B 38 14.45 -22.67 23.57
C MET B 38 13.96 -21.27 23.42
N ASP B 39 13.90 -20.56 24.52
CA ASP B 39 13.59 -19.14 24.48
C ASP B 39 14.82 -18.38 23.98
N PRO B 40 14.67 -17.10 23.70
CA PRO B 40 15.83 -16.38 23.12
C PRO B 40 16.92 -16.03 24.15
N THR B 41 16.58 -15.95 25.44
CA THR B 41 17.59 -15.82 26.52
C THR B 41 18.30 -17.13 26.87
N GLY B 42 18.39 -18.09 25.96
CA GLY B 42 19.07 -19.38 26.22
C GLY B 42 18.43 -20.39 27.20
N LYS B 43 17.26 -20.05 27.72
CA LYS B 43 16.51 -20.87 28.67
C LYS B 43 15.50 -21.85 27.99
N THR B 44 15.41 -23.03 28.57
CA THR B 44 14.49 -24.03 28.12
C THR B 44 13.18 -23.81 28.81
N ARG B 45 12.09 -23.90 28.02
CA ARG B 45 10.73 -23.63 28.53
C ARG B 45 9.78 -24.66 27.96
N THR B 46 8.56 -24.77 28.52
CA THR B 46 7.60 -25.75 28.01
C THR B 46 6.30 -25.07 27.70
N TRP B 47 5.49 -25.71 26.88
CA TRP B 47 4.21 -25.14 26.41
C TRP B 47 3.28 -26.25 26.18
N GLU B 48 2.06 -26.08 26.62
CA GLU B 48 1.05 -27.11 26.33
C GLU B 48 0.30 -26.73 25.06
N SER B 49 0.26 -27.64 24.09
CA SER B 49 -0.29 -27.41 22.73
C SER B 49 -1.24 -28.51 22.31
N VAL B 50 -2.21 -28.13 21.53
CA VAL B 50 -3.17 -29.06 20.92
C VAL B 50 -2.84 -29.19 19.45
N LYS B 51 -2.99 -30.39 18.91
CA LYS B 51 -2.89 -30.68 17.49
C LYS B 51 -4.04 -31.58 17.07
N ARG B 52 -4.44 -31.46 15.82
CA ARG B 52 -5.40 -32.41 15.25
C ARG B 52 -4.61 -33.63 14.80
N THR B 53 -5.25 -34.78 14.83
CA THR B 53 -4.63 -36.05 14.39
C THR B 53 -4.93 -36.29 12.91
N THR B 54 -5.74 -35.45 12.29
CA THR B 54 -6.13 -35.63 10.89
C THR B 54 -5.22 -34.97 9.81
N ARG B 55 -4.24 -34.16 10.16
CA ARG B 55 -3.46 -33.43 9.13
C ARG B 55 -2.48 -34.37 8.37
N LYS B 56 -2.25 -34.13 7.06
CA LYS B 56 -1.36 -34.97 6.21
C LYS B 56 0.01 -34.33 5.99
N GLN B 58 -1.61 -32.20 4.11
CA GLN B 58 -2.14 -31.02 3.42
C GLN B 58 -1.29 -29.76 3.72
N THR B 59 -1.57 -28.71 2.97
CA THR B 59 -1.11 -27.32 3.26
C THR B 59 -1.61 -26.80 4.61
N ALA B 60 -2.69 -27.41 5.12
CA ALA B 60 -3.42 -26.83 6.26
C ALA B 60 -4.44 -27.83 6.72
N ASP B 61 -4.92 -27.68 7.94
CA ASP B 61 -6.00 -28.56 8.42
C ASP B 61 -7.29 -28.42 7.64
N GLY B 62 -7.69 -27.18 7.36
CA GLY B 62 -8.94 -26.93 6.68
C GLY B 62 -8.97 -25.69 5.81
N VAL B 63 -10.17 -25.44 5.31
CA VAL B 63 -10.54 -24.18 4.67
C VAL B 63 -11.73 -23.52 5.36
N ALA B 64 -11.78 -22.20 5.27
CA ALA B 64 -13.00 -21.47 5.51
C ALA B 64 -13.29 -20.63 4.28
N VAL B 65 -14.55 -20.59 3.91
CA VAL B 65 -14.97 -19.92 2.72
C VAL B 65 -15.66 -18.58 3.05
N ILE B 66 -15.24 -17.50 2.43
CA ILE B 66 -15.95 -16.24 2.49
C ILE B 66 -16.83 -16.17 1.22
N PRO B 67 -18.14 -16.56 1.31
CA PRO B 67 -18.95 -16.63 0.09
C PRO B 67 -19.78 -15.30 -0.10
N VAL B 68 -19.49 -14.55 -1.14
CA VAL B 68 -20.11 -13.27 -1.48
C VAL B 68 -21.17 -13.55 -2.56
N LEU B 69 -22.42 -13.68 -2.11
CA LEU B 69 -23.59 -13.88 -2.99
C LEU B 69 -23.94 -12.58 -3.70
N GLN B 70 -23.68 -12.54 -5.01
CA GLN B 70 -24.00 -11.39 -5.87
C GLN B 70 -25.27 -11.63 -6.70
N ARG B 71 -26.29 -10.81 -6.44
CA ARG B 71 -27.54 -10.84 -7.14
C ARG B 71 -27.89 -9.41 -7.61
N THR B 72 -28.15 -9.27 -8.91
CA THR B 72 -28.44 -7.95 -9.42
C THR B 72 -29.69 -7.32 -8.76
N LEU B 73 -29.59 -6.00 -8.58
CA LEU B 73 -30.54 -5.15 -7.90
C LEU B 73 -30.75 -5.49 -6.42
N HIS B 74 -29.80 -6.19 -5.84
CA HIS B 74 -29.82 -6.54 -4.42
C HIS B 74 -28.52 -6.19 -3.76
N TYR B 75 -28.55 -6.01 -2.43
CA TYR B 75 -27.26 -5.86 -1.73
C TYR B 75 -26.46 -7.13 -1.85
N GLU B 76 -25.11 -7.01 -1.94
CA GLU B 76 -24.24 -8.22 -1.81
C GLU B 76 -24.42 -8.84 -0.42
N CYS B 77 -24.47 -10.17 -0.35
CA CYS B 77 -24.62 -10.89 0.93
C CYS B 77 -23.37 -11.73 1.22
N ILE B 78 -23.11 -11.93 2.51
CA ILE B 78 -22.03 -12.82 2.94
C ILE B 78 -22.84 -13.95 3.42
N VAL B 79 -22.54 -15.14 2.92
CA VAL B 79 -23.30 -16.32 3.25
C VAL B 79 -22.59 -17.06 4.42
N LEU B 80 -23.31 -17.27 5.50
CA LEU B 80 -22.77 -17.82 6.75
C LEU B 80 -23.56 -19.01 7.14
N VAL B 81 -22.99 -19.83 8.01
CA VAL B 81 -23.69 -20.95 8.56
C VAL B 81 -23.83 -20.94 10.08
N LYS B 82 -24.94 -21.46 10.54
CA LYS B 82 -25.23 -21.64 11.95
C LYS B 82 -25.31 -23.15 12.26
N GLN B 83 -24.56 -23.58 13.28
CA GLN B 83 -24.52 -25.00 13.75
C GLN B 83 -24.34 -25.12 15.23
N PHE B 84 -24.67 -26.28 15.80
CA PHE B 84 -24.34 -26.53 17.20
C PHE B 84 -22.88 -26.99 17.21
N ARG B 85 -22.12 -26.29 18.03
CA ARG B 85 -20.72 -26.61 18.27
C ARG B 85 -20.54 -27.19 19.64
N PRO B 86 -20.36 -28.53 19.73
CA PRO B 86 -20.21 -29.19 21.05
C PRO B 86 -19.13 -28.61 21.95
N PRO B 87 -17.96 -28.25 21.41
CA PRO B 87 -16.99 -27.58 22.28
C PRO B 87 -17.47 -26.32 22.86
N MET B 88 -18.28 -25.53 22.12
CA MET B 88 -18.88 -24.32 22.67
C MET B 88 -20.13 -24.57 23.55
N GLY B 89 -20.83 -25.71 23.37
CA GLY B 89 -21.99 -26.01 24.17
C GLY B 89 -23.15 -25.14 23.72
N GLY B 90 -23.07 -24.65 22.48
CA GLY B 90 -24.02 -23.67 21.96
C GLY B 90 -23.91 -23.53 20.44
N TYR B 91 -24.82 -22.73 19.88
CA TYR B 91 -24.89 -22.48 18.45
C TYR B 91 -23.93 -21.36 18.05
N CYS B 92 -23.23 -21.53 16.91
CA CYS B 92 -22.27 -20.55 16.41
C CYS B 92 -22.57 -20.18 14.99
N ILE B 93 -22.28 -18.94 14.69
CA ILE B 93 -22.37 -18.44 13.34
C ILE B 93 -20.96 -18.32 12.76
N GLU B 94 -20.73 -18.97 11.63
CA GLU B 94 -19.40 -19.08 11.01
C GLU B 94 -19.46 -19.06 9.48
N PHE B 95 -18.28 -18.82 8.91
CA PHE B 95 -18.05 -19.00 7.47
C PHE B 95 -18.14 -20.47 7.21
N PRO B 96 -18.73 -20.88 6.10
CA PRO B 96 -18.67 -22.36 5.78
C PRO B 96 -17.22 -22.84 5.76
N ALA B 97 -17.02 -24.07 6.24
CA ALA B 97 -15.70 -24.56 6.52
C ALA B 97 -15.68 -26.07 6.64
N GLY B 98 -14.52 -26.60 6.36
CA GLY B 98 -14.24 -27.95 6.74
C GLY B 98 -12.77 -28.32 6.48
N LEU B 99 -12.42 -29.52 6.89
CA LEU B 99 -11.13 -30.12 6.61
C LEU B 99 -11.00 -30.45 5.10
N ILE B 100 -9.79 -30.21 4.59
CA ILE B 100 -9.37 -30.50 3.23
C ILE B 100 -9.12 -32.02 3.16
N ASP B 101 -9.79 -32.73 2.23
CA ASP B 101 -9.58 -34.19 2.06
C ASP B 101 -8.14 -34.45 1.57
N ASP B 102 -7.58 -35.64 1.86
CA ASP B 102 -6.25 -36.02 1.28
C ASP B 102 -6.33 -36.02 -0.26
N GLY B 103 -5.41 -35.34 -0.93
CA GLY B 103 -5.53 -35.18 -2.37
C GLY B 103 -6.30 -33.97 -2.89
N GLU B 104 -7.15 -33.40 -2.04
CA GLU B 104 -7.88 -32.19 -2.43
C GLU B 104 -6.99 -30.92 -2.39
N THR B 105 -7.24 -29.97 -3.27
CA THR B 105 -6.58 -28.65 -3.22
C THR B 105 -7.40 -27.70 -2.28
N PRO B 106 -6.76 -26.65 -1.68
CA PRO B 106 -7.65 -25.73 -0.88
C PRO B 106 -8.86 -25.21 -1.68
N GLU B 107 -8.62 -24.76 -2.90
CA GLU B 107 -9.67 -24.22 -3.75
C GLU B 107 -10.82 -25.19 -4.01
N ALA B 108 -10.53 -26.50 -4.07
CA ALA B 108 -11.56 -27.47 -4.43
C ALA B 108 -12.26 -27.85 -3.17
N ALA B 109 -11.55 -27.89 -2.05
CA ALA B 109 -12.19 -28.11 -0.79
C ALA B 109 -13.14 -26.94 -0.54
N ALA B 110 -12.74 -25.75 -0.96
CA ALA B 110 -13.59 -24.54 -0.71
C ALA B 110 -14.88 -24.63 -1.45
N LEU B 111 -14.79 -24.90 -2.77
CA LEU B 111 -16.02 -25.05 -3.55
C LEU B 111 -16.88 -26.22 -3.16
N ARG B 112 -16.29 -27.30 -2.68
CA ARG B 112 -17.02 -28.48 -2.28
C ARG B 112 -17.73 -28.23 -0.96
N GLU B 113 -17.00 -27.68 0.04
CA GLU B 113 -17.64 -27.45 1.34
C GLU B 113 -18.78 -26.46 1.18
N LEU B 114 -18.53 -25.39 0.42
CA LEU B 114 -19.55 -24.36 0.19
C LEU B 114 -20.79 -25.04 -0.42
N GLU B 115 -20.59 -25.90 -1.38
CA GLU B 115 -21.75 -26.59 -2.01
C GLU B 115 -22.44 -27.53 -1.06
N GLU B 116 -21.71 -28.30 -0.26
CA GLU B 116 -22.35 -29.21 0.69
C GLU B 116 -23.15 -28.53 1.78
N GLU B 117 -22.59 -27.43 2.31
CA GLU B 117 -23.14 -26.77 3.49
C GLU B 117 -24.25 -25.82 3.11
N THR B 118 -24.18 -25.24 1.92
CA THR B 118 -25.15 -24.21 1.55
C THR B 118 -25.95 -24.51 0.28
N GLY B 119 -25.43 -25.34 -0.63
CA GLY B 119 -26.08 -25.60 -1.92
C GLY B 119 -25.55 -24.72 -3.03
N TYR B 120 -24.89 -23.60 -2.69
CA TYR B 120 -24.38 -22.70 -3.73
C TYR B 120 -23.13 -23.20 -4.42
N LYS B 121 -23.05 -22.87 -5.70
CA LYS B 121 -22.00 -23.24 -6.60
C LYS B 121 -21.33 -21.96 -6.90
N GLY B 122 -20.06 -21.83 -6.56
CA GLY B 122 -19.41 -20.55 -6.63
C GLY B 122 -18.17 -20.59 -7.45
N ASP B 123 -17.56 -19.43 -7.57
CA ASP B 123 -16.31 -19.26 -8.28
C ASP B 123 -15.17 -18.76 -7.40
N ILE B 124 -13.99 -19.37 -7.50
CA ILE B 124 -12.83 -18.88 -6.74
C ILE B 124 -12.46 -17.47 -7.10
N ALA B 125 -12.30 -16.60 -6.09
CA ALA B 125 -11.71 -15.31 -6.37
C ALA B 125 -10.28 -15.14 -5.88
N GLU B 126 -10.00 -15.65 -4.69
CA GLU B 126 -8.67 -15.63 -4.13
C GLU B 126 -8.56 -16.68 -2.99
N CYS B 127 -7.33 -17.00 -2.60
CA CYS B 127 -7.05 -18.02 -1.65
C CYS B 127 -5.86 -17.56 -0.83
N SER B 128 -6.03 -17.53 0.50
CA SER B 128 -4.93 -17.15 1.40
C SER B 128 -3.84 -18.21 1.49
N PRO B 129 -2.64 -17.81 1.93
CA PRO B 129 -1.72 -18.82 2.47
C PRO B 129 -2.31 -19.51 3.72
N ALA B 130 -1.69 -20.57 4.21
CA ALA B 130 -2.16 -21.24 5.41
C ALA B 130 -2.07 -20.18 6.58
N VAL B 131 -3.18 -19.91 7.26
CA VAL B 131 -3.21 -18.98 8.41
C VAL B 131 -3.60 -19.72 9.71
N CYS B 132 -3.03 -19.27 10.83
CA CYS B 132 -3.24 -19.93 12.13
C CYS B 132 -4.55 -19.57 12.84
N MET B 133 -5.17 -20.56 13.46
CA MET B 133 -6.45 -20.36 14.05
C MET B 133 -6.35 -19.81 15.47
N ASP B 134 -5.47 -20.39 16.29
CA ASP B 134 -5.23 -19.95 17.65
C ASP B 134 -3.81 -20.37 18.04
N PRO B 135 -2.81 -19.51 17.74
CA PRO B 135 -1.48 -20.14 17.74
C PRO B 135 -0.84 -20.30 19.13
N GLY B 136 -1.35 -19.58 20.15
CA GLY B 136 -1.10 -19.81 21.56
C GLY B 136 -1.62 -21.16 22.05
N LEU B 137 -2.59 -21.71 21.37
CA LEU B 137 -3.17 -22.93 21.83
C LEU B 137 -2.88 -24.18 20.99
N SER B 138 -2.89 -24.04 19.65
CA SER B 138 -2.84 -25.14 18.73
C SER B 138 -2.02 -24.85 17.54
N ASN B 139 -1.72 -25.90 16.77
CA ASN B 139 -1.05 -25.72 15.49
C ASN B 139 -2.02 -25.56 14.31
N CYS B 140 -3.35 -25.43 14.57
CA CYS B 140 -4.35 -25.60 13.51
C CYS B 140 -4.25 -24.44 12.54
N THR B 141 -4.37 -24.78 11.27
CA THR B 141 -4.32 -23.81 10.22
C THR B 141 -5.39 -24.08 9.16
N ILE B 142 -5.74 -23.01 8.44
CA ILE B 142 -6.67 -23.05 7.31
C ILE B 142 -6.22 -22.13 6.23
N HIS B 143 -6.75 -22.37 5.03
CA HIS B 143 -6.77 -21.40 3.94
C HIS B 143 -8.13 -20.73 3.99
N ILE B 144 -8.11 -19.42 3.87
CA ILE B 144 -9.33 -18.66 3.71
C ILE B 144 -9.53 -18.42 2.19
N VAL B 145 -10.62 -18.89 1.67
CA VAL B 145 -10.90 -18.86 0.24
C VAL B 145 -12.10 -17.95 -0.01
N THR B 146 -11.90 -16.82 -0.72
CA THR B 146 -12.97 -15.89 -1.14
C THR B 146 -13.61 -16.45 -2.41
N VAL B 147 -14.92 -16.58 -2.41
CA VAL B 147 -15.63 -17.22 -3.48
C VAL B 147 -16.78 -16.29 -3.79
N THR B 148 -17.02 -16.01 -5.06
CA THR B 148 -18.22 -15.24 -5.47
C THR B 148 -19.26 -16.24 -6.00
N ILE B 149 -20.53 -15.97 -5.70
CA ILE B 149 -21.66 -16.82 -6.08
C ILE B 149 -22.57 -15.92 -6.93
N ASN B 150 -22.82 -16.39 -8.16
CA ASN B 150 -23.66 -15.65 -9.08
C ASN B 150 -25.02 -16.12 -8.74
N GLY B 151 -25.72 -15.34 -7.94
CA GLY B 151 -27.04 -15.71 -7.40
C GLY B 151 -28.15 -15.64 -8.50
N ASP B 152 -27.83 -15.03 -9.63
CA ASP B 152 -28.75 -14.96 -10.79
C ASP B 152 -28.55 -16.14 -11.80
N ASP B 153 -27.69 -17.10 -11.52
CA ASP B 153 -27.49 -18.22 -12.46
C ASP B 153 -28.55 -19.17 -12.08
N ALA B 154 -29.05 -19.97 -13.04
CA ALA B 154 -30.10 -20.97 -12.71
C ALA B 154 -29.64 -22.07 -11.72
N GLU B 155 -28.35 -22.45 -11.74
CA GLU B 155 -27.85 -23.44 -10.76
C GLU B 155 -27.94 -23.00 -9.28
N ASN B 156 -27.85 -21.69 -9.06
CA ASN B 156 -27.98 -21.09 -7.73
C ASN B 156 -29.39 -20.59 -7.44
N ALA B 157 -30.39 -20.97 -8.23
CA ALA B 157 -31.78 -20.56 -7.99
C ALA B 157 -32.34 -21.25 -6.78
N ARG B 158 -32.29 -22.57 -6.78
CA ARG B 158 -32.84 -23.40 -5.69
C ARG B 158 -31.68 -24.20 -5.05
N PRO B 159 -30.75 -23.50 -4.36
CA PRO B 159 -29.54 -24.21 -3.88
C PRO B 159 -29.85 -25.43 -2.99
N LYS B 160 -29.28 -26.58 -3.33
CA LYS B 160 -29.53 -27.83 -2.62
C LYS B 160 -28.32 -28.24 -1.73
N PRO B 161 -28.42 -28.13 -0.38
CA PRO B 161 -27.28 -28.62 0.42
C PRO B 161 -27.15 -30.13 0.38
N LYS B 162 -25.92 -30.62 0.47
CA LYS B 162 -25.62 -32.07 0.57
C LYS B 162 -24.85 -32.31 1.88
N PRO B 163 -25.55 -32.19 3.02
CA PRO B 163 -24.93 -32.36 4.34
C PRO B 163 -24.56 -33.81 4.64
N GLY B 164 -23.48 -33.99 5.40
CA GLY B 164 -23.10 -35.33 5.84
C GLY B 164 -24.01 -35.95 6.91
N ASP B 165 -23.80 -37.23 7.14
CA ASP B 165 -24.28 -37.87 8.36
C ASP B 165 -23.84 -37.06 9.61
N GLY B 166 -24.77 -36.81 10.52
CA GLY B 166 -24.51 -36.01 11.73
C GLY B 166 -24.35 -34.50 11.56
N GLU B 167 -24.42 -34.01 10.33
CA GLU B 167 -24.25 -32.59 10.05
C GLU B 167 -25.62 -31.93 9.93
N PHE B 168 -25.78 -30.81 10.63
CA PHE B 168 -27.03 -30.10 10.75
C PHE B 168 -26.71 -28.61 10.69
N VAL B 169 -26.78 -28.06 9.47
CA VAL B 169 -26.28 -26.71 9.16
C VAL B 169 -27.44 -25.86 8.60
N GLU B 170 -27.58 -24.63 9.12
CA GLU B 170 -28.59 -23.68 8.68
C GLU B 170 -27.84 -22.53 8.05
N VAL B 171 -28.29 -22.12 6.85
CA VAL B 171 -27.65 -21.07 6.09
C VAL B 171 -28.24 -19.72 6.45
N ILE B 172 -27.39 -18.73 6.66
CA ILE B 172 -27.80 -17.35 6.96
C ILE B 172 -27.00 -16.43 6.05
N SER B 173 -27.71 -15.71 5.19
CA SER B 173 -27.13 -14.72 4.30
C SER B 173 -27.37 -13.32 4.80
N LEU B 174 -26.29 -12.57 5.02
CA LEU B 174 -26.41 -11.27 5.59
C LEU B 174 -25.79 -10.22 4.67
N PRO B 175 -26.41 -9.01 4.58
CA PRO B 175 -25.78 -7.98 3.77
C PRO B 175 -24.42 -7.55 4.17
N LYS B 176 -23.54 -7.53 3.20
CA LYS B 176 -22.17 -7.10 3.37
C LYS B 176 -22.08 -5.65 3.97
N ASN B 177 -22.92 -4.74 3.47
CA ASN B 177 -22.70 -3.32 3.77
C ASN B 177 -23.20 -2.96 5.20
N ASP B 178 -23.94 -3.88 5.88
CA ASP B 178 -24.24 -3.72 7.30
C ASP B 178 -23.79 -4.90 8.19
N LEU B 179 -22.79 -5.67 7.78
CA LEU B 179 -22.63 -7.01 8.38
C LEU B 179 -22.46 -6.94 9.92
N LEU B 180 -21.64 -6.03 10.39
CA LEU B 180 -21.25 -5.94 11.78
C LEU B 180 -22.44 -5.68 12.66
N GLN B 181 -23.28 -4.73 12.25
CA GLN B 181 -24.56 -4.48 12.91
C GLN B 181 -25.49 -5.66 12.89
N ARG B 182 -25.56 -6.41 11.79
CA ARG B 182 -26.44 -7.55 11.80
C ARG B 182 -25.98 -8.71 12.68
N LEU B 183 -24.66 -8.86 12.81
CA LEU B 183 -24.13 -9.92 13.64
C LEU B 183 -24.39 -9.56 15.13
N ASP B 184 -24.08 -8.31 15.52
CA ASP B 184 -24.24 -7.79 16.89
C ASP B 184 -25.66 -8.05 17.32
N ALA B 185 -26.59 -7.88 16.41
CA ALA B 185 -28.01 -8.22 16.64
C ALA B 185 -28.31 -9.68 16.82
N LEU B 186 -27.71 -10.54 16.00
CA LEU B 186 -27.96 -11.97 16.16
C LEU B 186 -27.51 -12.47 17.53
N VAL B 187 -26.41 -11.90 18.01
CA VAL B 187 -25.87 -12.17 19.29
C VAL B 187 -26.79 -11.69 20.41
N ALA B 188 -27.28 -10.45 20.30
CA ALA B 188 -28.14 -9.84 21.33
C ALA B 188 -29.49 -10.49 21.37
N GLU B 189 -29.98 -10.96 20.24
CA GLU B 189 -31.34 -11.47 20.22
C GLU B 189 -31.53 -12.91 19.84
N GLU B 190 -30.44 -13.65 19.61
CA GLU B 190 -30.58 -15.11 19.43
C GLU B 190 -29.64 -15.94 20.31
N HIS B 191 -28.88 -15.28 21.18
CA HIS B 191 -27.76 -15.82 21.95
C HIS B 191 -26.91 -16.85 21.20
N LEU B 192 -26.42 -16.41 20.05
CA LEU B 192 -25.49 -17.21 19.25
C LEU B 192 -24.11 -16.65 19.59
N THR B 193 -23.07 -17.37 19.29
CA THR B 193 -21.71 -16.84 19.38
C THR B 193 -21.29 -16.66 17.95
N VAL B 194 -20.65 -15.53 17.65
CA VAL B 194 -20.15 -15.27 16.33
C VAL B 194 -18.70 -15.67 16.36
N ASP B 195 -18.26 -16.28 15.26
CA ASP B 195 -16.88 -16.62 15.02
C ASP B 195 -16.02 -15.44 14.91
N ALA B 196 -14.79 -15.58 15.39
CA ALA B 196 -13.91 -14.43 15.54
C ALA B 196 -13.36 -13.97 14.14
N ARG B 197 -13.20 -14.92 13.20
CA ARG B 197 -12.92 -14.55 11.81
C ARG B 197 -14.00 -13.75 11.13
N VAL B 198 -15.24 -14.21 11.26
CA VAL B 198 -16.38 -13.51 10.78
C VAL B 198 -16.45 -12.10 11.34
N TYR B 199 -16.16 -11.99 12.63
CA TYR B 199 -16.23 -10.70 13.32
C TYR B 199 -15.15 -9.76 12.89
N SER B 200 -13.95 -10.27 12.69
CA SER B 200 -12.86 -9.47 12.27
C SER B 200 -13.13 -8.95 10.88
N TYR B 201 -13.76 -9.79 10.03
CA TYR B 201 -14.11 -9.42 8.64
C TYR B 201 -15.13 -8.23 8.68
N ALA B 202 -16.18 -8.41 9.48
CA ALA B 202 -17.18 -7.43 9.68
C ALA B 202 -16.73 -6.09 10.19
N LEU B 203 -15.76 -6.10 11.10
CA LEU B 203 -15.19 -4.91 11.71
C LEU B 203 -14.41 -4.19 10.66
N ALA B 204 -13.58 -4.93 9.91
CA ALA B 204 -12.83 -4.31 8.81
C ALA B 204 -13.69 -3.70 7.70
N LEU B 205 -14.83 -4.24 7.42
CA LEU B 205 -15.70 -3.60 6.48
C LEU B 205 -16.12 -2.22 6.98
N LYS B 206 -16.31 -2.06 8.32
CA LYS B 206 -16.65 -0.77 8.87
C LYS B 206 -15.41 0.14 8.95
N HIS B 207 -14.30 -0.42 9.33
CA HIS B 207 -13.09 0.31 9.48
C HIS B 207 -12.44 0.77 8.15
N ALA B 208 -12.82 0.14 7.03
CA ALA B 208 -12.32 0.61 5.74
C ALA B 208 -12.74 2.07 5.49
N ASN B 209 -11.82 2.82 4.87
CA ASN B 209 -12.05 4.19 4.44
C ASN B 209 -12.58 5.13 5.57
N GLN C 16 0.24 23.23 7.58
CA GLN C 16 -0.28 24.12 6.50
C GLN C 16 -1.48 23.47 5.80
N TYR C 17 -2.43 24.25 5.30
CA TYR C 17 -3.53 23.67 4.53
C TYR C 17 -4.20 24.66 3.61
N ILE C 18 -5.01 24.14 2.69
CA ILE C 18 -5.71 24.93 1.70
C ILE C 18 -6.97 25.54 2.34
N ILE C 19 -7.18 26.84 2.15
CA ILE C 19 -8.42 27.52 2.64
C ILE C 19 -9.45 27.75 1.52
N SER C 20 -9.01 28.16 0.32
CA SER C 20 -9.91 28.37 -0.82
C SER C 20 -9.19 28.34 -2.18
N GLU C 21 -9.85 27.74 -3.17
CA GLU C 21 -9.47 27.85 -4.60
C GLU C 21 -10.43 28.83 -5.26
N GLU C 22 -9.91 29.98 -5.70
CA GLU C 22 -10.67 31.06 -6.31
C GLU C 22 -10.35 31.16 -7.82
N LEU C 23 -11.36 30.96 -8.68
CA LEU C 23 -11.17 30.80 -10.12
C LEU C 23 -10.83 32.16 -10.78
N ILE C 24 -9.70 32.22 -11.53
CA ILE C 24 -9.22 33.46 -12.20
C ILE C 24 -9.43 33.42 -13.71
N SER C 25 -9.42 32.23 -14.34
CA SER C 25 -9.78 32.07 -15.77
C SER C 25 -9.85 30.59 -16.22
N GLU C 26 -10.99 30.07 -16.69
CA GLU C 26 -11.10 28.67 -17.19
C GLU C 26 -11.09 28.60 -18.70
N GLY C 27 -10.07 27.96 -19.27
CA GLY C 27 -10.07 27.63 -20.68
C GLY C 27 -10.72 26.28 -20.95
N LYS C 28 -10.57 25.80 -22.18
CA LYS C 28 -11.02 24.45 -22.58
C LYS C 28 -10.19 23.33 -21.94
N TRP C 29 -8.88 23.56 -21.75
CA TRP C 29 -7.93 22.54 -21.31
C TRP C 29 -7.20 22.83 -19.99
N VAL C 30 -7.01 24.11 -19.65
CA VAL C 30 -6.32 24.55 -18.43
C VAL C 30 -7.09 25.70 -17.77
N LYS C 31 -6.91 25.87 -16.45
CA LYS C 31 -7.53 26.94 -15.69
C LYS C 31 -6.50 27.54 -14.73
N LEU C 32 -6.56 28.82 -14.52
CA LEU C 32 -5.70 29.49 -13.58
C LEU C 32 -6.51 29.81 -12.31
N GLU C 33 -5.94 29.64 -11.11
CA GLU C 33 -6.66 29.85 -9.81
C GLU C 33 -5.88 30.64 -8.81
N LYS C 34 -6.56 31.44 -7.97
CA LYS C 34 -5.94 32.09 -6.78
C LYS C 34 -6.20 31.17 -5.59
N THR C 35 -5.10 30.62 -5.01
CA THR C 35 -5.13 29.68 -3.90
C THR C 35 -4.88 30.46 -2.62
N THR C 36 -5.78 30.34 -1.65
CA THR C 36 -5.54 30.94 -0.32
C THR C 36 -5.22 29.82 0.65
N TYR C 37 -4.16 29.98 1.44
CA TYR C 37 -3.74 28.87 2.30
C TYR C 37 -3.19 29.39 3.63
N MET C 38 -3.15 28.53 4.64
CA MET C 38 -2.55 28.85 5.99
C MET C 38 -1.10 28.40 6.10
N ASP C 39 -0.22 29.33 6.47
CA ASP C 39 1.19 29.03 6.53
C ASP C 39 1.49 28.40 7.85
N PRO C 40 2.76 27.98 8.09
CA PRO C 40 3.03 27.32 9.36
C PRO C 40 2.82 28.23 10.63
N THR C 41 3.14 29.52 10.54
CA THR C 41 2.97 30.43 11.70
C THR C 41 1.55 30.89 12.02
N GLY C 42 0.53 30.44 11.25
CA GLY C 42 -0.83 30.99 11.30
C GLY C 42 -1.17 32.16 10.36
N LYS C 43 -0.17 32.84 9.75
CA LYS C 43 -0.43 33.86 8.70
C LYS C 43 -1.11 33.26 7.46
N THR C 44 -1.96 34.05 6.86
CA THR C 44 -2.83 33.59 5.78
C THR C 44 -2.17 34.10 4.49
N ARG C 45 -2.07 33.22 3.47
CA ARG C 45 -1.25 33.48 2.29
C ARG C 45 -1.93 33.12 0.96
N THR C 46 -1.30 33.56 -0.14
CA THR C 46 -1.89 33.59 -1.47
C THR C 46 -0.91 32.95 -2.49
N TRP C 47 -1.44 32.33 -3.52
CA TRP C 47 -0.64 31.69 -4.58
C TRP C 47 -1.44 31.61 -5.88
N GLU C 48 -0.78 31.78 -7.00
CA GLU C 48 -1.37 31.58 -8.31
C GLU C 48 -1.05 30.16 -8.78
N SER C 49 -2.07 29.34 -8.91
CA SER C 49 -1.94 27.89 -9.21
C SER C 49 -2.60 27.59 -10.51
N VAL C 50 -2.03 26.67 -11.29
CA VAL C 50 -2.55 26.21 -12.53
C VAL C 50 -3.06 24.78 -12.41
N LYS C 51 -4.19 24.49 -13.05
CA LYS C 51 -4.73 23.15 -12.98
C LYS C 51 -5.35 22.71 -14.33
N ARG C 52 -5.16 21.45 -14.69
CA ARG C 52 -5.83 20.92 -15.86
C ARG C 52 -7.28 20.68 -15.44
N THR C 53 -8.15 20.69 -16.44
CA THR C 53 -9.61 20.50 -16.26
C THR C 53 -10.04 19.13 -16.74
N THR C 54 -9.12 18.42 -17.42
CA THR C 54 -9.30 17.09 -17.97
C THR C 54 -9.13 15.94 -16.92
N ARG C 55 -8.87 16.25 -15.64
CA ARG C 55 -8.62 15.20 -14.64
C ARG C 55 -9.91 14.73 -13.93
N LYS C 56 -10.44 13.56 -14.36
CA LYS C 56 -11.62 12.90 -13.73
C LYS C 56 -11.19 11.88 -12.65
N GLN C 58 -9.18 9.15 -11.90
CA GLN C 58 -7.86 9.04 -12.50
C GLN C 58 -6.82 9.27 -11.39
N THR C 59 -5.79 8.42 -11.39
CA THR C 59 -4.69 8.44 -10.38
C THR C 59 -3.78 9.67 -10.57
N ALA C 60 -3.78 10.22 -11.79
CA ALA C 60 -2.95 11.34 -12.23
C ALA C 60 -3.43 11.85 -13.56
N ASP C 61 -2.87 12.99 -13.98
CA ASP C 61 -3.19 13.54 -15.25
C ASP C 61 -2.72 12.65 -16.36
N GLY C 62 -1.55 12.07 -16.20
CA GLY C 62 -0.97 11.33 -17.33
C GLY C 62 0.10 10.35 -16.95
N VAL C 63 0.75 9.84 -17.98
CA VAL C 63 1.86 8.92 -17.83
C VAL C 63 3.02 9.43 -18.68
N ALA C 64 4.22 9.13 -18.24
CA ALA C 64 5.42 9.23 -19.02
C ALA C 64 5.99 7.85 -19.01
N VAL C 65 6.53 7.43 -20.14
CA VAL C 65 7.01 6.10 -20.32
C VAL C 65 8.53 6.18 -20.52
N ILE C 66 9.23 5.41 -19.68
CA ILE C 66 10.62 5.16 -19.86
C ILE C 66 10.81 3.83 -20.63
N PRO C 67 11.06 3.92 -21.97
CA PRO C 67 11.01 2.72 -22.84
C PRO C 67 12.42 2.23 -23.13
N VAL C 68 12.73 1.08 -22.57
CA VAL C 68 14.04 0.59 -22.57
C VAL C 68 14.07 -0.50 -23.65
N LEU C 69 14.78 -0.16 -24.73
CA LEU C 69 14.97 -1.07 -25.87
C LEU C 69 16.03 -2.04 -25.63
N GLN C 70 15.61 -3.31 -25.61
CA GLN C 70 16.47 -4.42 -25.18
C GLN C 70 16.73 -5.43 -26.35
N ARG C 71 17.98 -5.62 -26.73
CA ARG C 71 18.36 -6.54 -27.83
C ARG C 71 19.55 -7.37 -27.45
N THR C 72 19.59 -8.61 -27.96
CA THR C 72 20.55 -9.61 -27.52
C THR C 72 21.97 -9.15 -27.72
N LEU C 73 22.25 -8.49 -28.83
CA LEU C 73 23.64 -8.22 -29.16
C LEU C 73 24.15 -6.86 -28.69
N HIS C 74 23.23 -6.01 -28.21
CA HIS C 74 23.54 -4.60 -28.00
C HIS C 74 23.39 -4.14 -26.58
N TYR C 75 23.95 -2.97 -26.32
CA TYR C 75 23.59 -2.23 -25.12
C TYR C 75 22.14 -1.69 -25.25
N GLU C 76 21.49 -1.40 -24.11
CA GLU C 76 20.12 -0.88 -24.11
C GLU C 76 20.10 0.50 -24.68
N CYS C 77 18.96 0.80 -25.31
CA CYS C 77 18.63 2.14 -25.73
C CYS C 77 17.42 2.64 -25.00
N ILE C 78 17.42 3.95 -24.78
CA ILE C 78 16.23 4.64 -24.33
C ILE C 78 15.52 5.32 -25.52
N VAL C 79 14.22 5.09 -25.64
CA VAL C 79 13.47 5.53 -26.79
C VAL C 79 12.76 6.82 -26.38
N LEU C 80 13.04 7.90 -27.09
CA LEU C 80 12.50 9.21 -26.78
C LEU C 80 11.81 9.74 -28.05
N VAL C 81 11.01 10.79 -27.87
CA VAL C 81 10.27 11.44 -28.93
C VAL C 81 10.63 12.90 -29.01
N LYS C 82 10.74 13.38 -30.24
CA LYS C 82 10.84 14.80 -30.53
C LYS C 82 9.55 15.27 -31.13
N GLN C 83 8.98 16.30 -30.52
CA GLN C 83 7.85 17.02 -31.08
C GLN C 83 7.91 18.53 -30.90
N PHE C 84 7.15 19.22 -31.75
CA PHE C 84 7.00 20.67 -31.63
C PHE C 84 6.03 20.93 -30.50
N ARG C 85 6.37 21.80 -29.58
CA ARG C 85 5.51 22.03 -28.39
C ARG C 85 5.13 23.47 -28.38
N PRO C 86 3.81 23.73 -28.62
CA PRO C 86 3.46 25.13 -28.80
C PRO C 86 3.79 26.04 -27.64
N PRO C 87 3.64 25.56 -26.39
CA PRO C 87 3.94 26.47 -25.31
C PRO C 87 5.44 26.84 -25.25
N MET C 88 6.29 25.97 -25.74
CA MET C 88 7.75 26.25 -25.81
C MET C 88 8.15 27.04 -27.06
N GLY C 89 7.37 26.98 -28.10
CA GLY C 89 7.70 27.71 -29.34
C GLY C 89 8.72 26.98 -30.16
N GLY C 90 8.89 25.68 -29.88
CA GLY C 90 9.96 24.92 -30.46
C GLY C 90 9.86 23.44 -30.13
N TYR C 91 10.91 22.73 -30.54
CA TYR C 91 10.99 21.31 -30.52
C TYR C 91 11.53 20.86 -29.18
N CYS C 92 10.98 19.76 -28.69
CA CYS C 92 11.38 19.19 -27.37
C CYS C 92 11.62 17.72 -27.45
N ILE C 93 12.60 17.21 -26.69
CA ILE C 93 12.91 15.81 -26.67
C ILE C 93 12.40 15.30 -25.32
N GLU C 94 11.51 14.31 -25.36
CA GLU C 94 10.75 13.85 -24.13
C GLU C 94 10.60 12.38 -24.08
N PHE C 95 10.22 11.86 -22.90
CA PHE C 95 9.74 10.50 -22.82
C PHE C 95 8.35 10.49 -23.48
N PRO C 96 8.01 9.38 -24.14
CA PRO C 96 6.67 9.25 -24.69
C PRO C 96 5.77 9.42 -23.54
N ALA C 97 4.69 10.12 -23.79
CA ALA C 97 3.78 10.53 -22.78
C ALA C 97 2.39 10.82 -23.29
N GLY C 98 1.39 10.63 -22.43
CA GLY C 98 0.04 11.17 -22.66
C GLY C 98 -0.86 11.27 -21.44
N LEU C 99 -2.09 11.72 -21.66
CA LEU C 99 -3.16 11.69 -20.65
C LEU C 99 -3.74 10.28 -20.50
N ILE C 100 -4.08 9.93 -19.26
CA ILE C 100 -4.71 8.64 -18.94
C ILE C 100 -6.21 8.79 -19.29
N ASP C 101 -6.71 7.92 -20.18
CA ASP C 101 -8.14 7.96 -20.53
C ASP C 101 -8.95 7.59 -19.27
N ASP C 102 -10.16 8.12 -19.12
CA ASP C 102 -11.07 7.66 -18.05
C ASP C 102 -11.36 6.17 -18.29
N GLY C 103 -11.31 5.36 -17.23
CA GLY C 103 -11.45 3.91 -17.33
C GLY C 103 -10.12 3.18 -17.35
N GLU C 104 -9.08 3.90 -17.81
CA GLU C 104 -7.76 3.35 -18.17
C GLU C 104 -6.81 3.32 -16.96
N THR C 105 -6.12 2.19 -16.80
CA THR C 105 -5.01 2.08 -15.87
C THR C 105 -3.72 2.80 -16.41
N PRO C 106 -2.88 3.36 -15.52
CA PRO C 106 -1.58 3.97 -15.97
C PRO C 106 -0.84 3.03 -16.89
N GLU C 107 -0.89 1.72 -16.55
CA GLU C 107 -0.10 0.75 -17.25
C GLU C 107 -0.55 0.61 -18.70
N ALA C 108 -1.87 0.64 -18.92
CA ALA C 108 -2.42 0.40 -20.23
C ALA C 108 -2.22 1.69 -21.01
N ALA C 109 -2.38 2.83 -20.34
CA ALA C 109 -2.02 4.12 -20.95
C ALA C 109 -0.58 4.15 -21.43
N ALA C 110 0.34 3.55 -20.67
CA ALA C 110 1.75 3.62 -21.06
C ALA C 110 2.01 2.78 -22.30
N LEU C 111 1.47 1.57 -22.31
CA LEU C 111 1.68 0.68 -23.44
C LEU C 111 0.99 1.21 -24.69
N ARG C 112 -0.21 1.77 -24.52
CA ARG C 112 -0.91 2.41 -25.65
C ARG C 112 -0.19 3.65 -26.19
N GLU C 113 0.07 4.63 -25.31
CA GLU C 113 0.87 5.77 -25.72
C GLU C 113 2.16 5.33 -26.37
N LEU C 114 2.82 4.31 -25.82
CA LEU C 114 4.13 4.01 -26.43
C LEU C 114 3.97 3.46 -27.91
N GLU C 115 2.97 2.60 -28.10
CA GLU C 115 2.72 1.97 -29.44
C GLU C 115 2.35 3.04 -30.44
N GLU C 116 1.43 3.92 -30.04
CA GLU C 116 1.04 5.12 -30.81
C GLU C 116 2.18 6.01 -31.30
N GLU C 117 3.07 6.43 -30.38
CA GLU C 117 4.04 7.42 -30.71
C GLU C 117 5.26 6.84 -31.41
N THR C 118 5.62 5.61 -31.10
CA THR C 118 6.86 5.04 -31.60
C THR C 118 6.68 3.76 -32.42
N GLY C 119 5.54 3.09 -32.30
CA GLY C 119 5.30 1.80 -32.91
C GLY C 119 5.81 0.59 -32.17
N TYR C 120 6.46 0.78 -31.02
CA TYR C 120 7.04 -0.34 -30.28
C TYR C 120 6.03 -1.02 -29.42
N LYS C 121 6.12 -2.34 -29.33
CA LYS C 121 5.25 -3.10 -28.40
C LYS C 121 6.10 -3.52 -27.19
N GLY C 122 5.75 -3.01 -26.02
CA GLY C 122 6.51 -3.26 -24.78
C GLY C 122 5.79 -4.07 -23.72
N ASP C 123 6.48 -4.30 -22.61
CA ASP C 123 5.99 -4.99 -21.43
C ASP C 123 6.23 -4.05 -20.20
N ILE C 124 5.26 -3.98 -19.29
CA ILE C 124 5.44 -3.21 -18.07
C ILE C 124 6.54 -3.79 -17.23
N ALA C 125 7.48 -2.91 -16.83
CA ALA C 125 8.44 -3.27 -15.81
C ALA C 125 8.05 -2.77 -14.41
N GLU C 126 7.69 -1.50 -14.28
CA GLU C 126 7.46 -0.89 -12.97
C GLU C 126 6.61 0.36 -13.19
N CYS C 127 5.75 0.72 -12.23
CA CYS C 127 4.90 1.90 -12.35
C CYS C 127 5.11 2.70 -11.10
N SER C 128 5.55 3.96 -11.19
CA SER C 128 5.60 4.84 -10.02
C SER C 128 4.26 5.21 -9.41
N PRO C 129 4.30 5.71 -8.19
CA PRO C 129 3.15 6.45 -7.73
C PRO C 129 3.01 7.79 -8.47
N ALA C 130 1.89 8.46 -8.26
CA ALA C 130 1.65 9.74 -8.89
C ALA C 130 2.71 10.75 -8.38
N VAL C 131 3.40 11.38 -9.32
CA VAL C 131 4.56 12.30 -8.99
C VAL C 131 4.29 13.64 -9.67
N CYS C 132 4.71 14.74 -9.05
CA CYS C 132 4.27 16.06 -9.48
C CYS C 132 5.23 16.61 -10.57
N MET C 133 4.66 17.35 -11.50
CA MET C 133 5.46 17.89 -12.61
C MET C 133 6.13 19.19 -12.28
N ASP C 134 5.44 20.08 -11.59
CA ASP C 134 6.00 21.43 -11.37
C ASP C 134 5.22 22.03 -10.21
N PRO C 135 5.55 21.57 -8.98
CA PRO C 135 4.59 21.80 -7.88
C PRO C 135 4.53 23.25 -7.33
N GLY C 136 5.54 24.09 -7.60
CA GLY C 136 5.45 25.55 -7.47
C GLY C 136 4.40 26.25 -8.35
N LEU C 137 3.97 25.60 -9.41
CA LEU C 137 3.12 26.19 -10.41
C LEU C 137 1.80 25.48 -10.58
N SER C 138 1.83 24.15 -10.69
CA SER C 138 0.64 23.39 -11.04
C SER C 138 0.43 22.24 -10.12
N ASN C 139 -0.78 21.67 -10.20
CA ASN C 139 -1.10 20.38 -9.54
C ASN C 139 -0.86 19.16 -10.46
N CYS C 140 -0.20 19.35 -11.59
CA CYS C 140 -0.16 18.25 -12.62
C CYS C 140 0.65 17.08 -12.09
N THR C 141 0.12 15.87 -12.30
CA THR C 141 0.82 14.67 -11.89
C THR C 141 0.86 13.65 -13.00
N ILE C 142 1.87 12.80 -12.87
CA ILE C 142 1.96 11.66 -13.76
C ILE C 142 2.39 10.41 -13.01
N HIS C 143 2.25 9.27 -13.70
CA HIS C 143 2.94 8.08 -13.32
C HIS C 143 4.06 7.94 -14.31
N ILE C 144 5.22 7.58 -13.81
CA ILE C 144 6.35 7.24 -14.61
C ILE C 144 6.38 5.73 -14.69
N VAL C 145 6.17 5.22 -15.92
CA VAL C 145 6.10 3.77 -16.14
C VAL C 145 7.28 3.33 -16.95
N THR C 146 8.04 2.39 -16.38
CA THR C 146 9.18 1.80 -17.03
C THR C 146 8.61 0.63 -17.85
N VAL C 147 8.97 0.59 -19.15
CA VAL C 147 8.54 -0.41 -20.11
C VAL C 147 9.76 -0.93 -20.84
N THR C 148 9.86 -2.24 -20.92
CA THR C 148 10.96 -2.88 -21.62
C THR C 148 10.43 -3.24 -23.02
N ILE C 149 11.29 -3.10 -24.01
CA ILE C 149 10.94 -3.40 -25.40
C ILE C 149 11.91 -4.46 -25.88
N ASN C 150 11.37 -5.61 -26.30
CA ASN C 150 12.14 -6.71 -26.89
C ASN C 150 12.46 -6.41 -28.33
N GLY C 151 13.62 -5.82 -28.56
CA GLY C 151 14.07 -5.40 -29.93
C GLY C 151 14.49 -6.51 -30.91
N ASP C 152 14.51 -7.74 -30.43
CA ASP C 152 14.84 -8.92 -31.22
C ASP C 152 13.58 -9.60 -31.69
N ASP C 153 12.41 -9.18 -31.24
CA ASP C 153 11.16 -9.78 -31.76
C ASP C 153 10.92 -9.09 -33.12
N ALA C 154 10.49 -9.84 -34.16
CA ALA C 154 10.21 -9.23 -35.49
C ALA C 154 9.14 -8.10 -35.46
N GLU C 155 8.12 -8.21 -34.59
CA GLU C 155 7.12 -7.12 -34.47
C GLU C 155 7.75 -5.77 -34.07
N ASN C 156 8.88 -5.79 -33.36
CA ASN C 156 9.57 -4.56 -33.05
C ASN C 156 10.65 -4.22 -34.07
N ALA C 157 10.75 -5.00 -35.15
CA ALA C 157 11.76 -4.74 -36.19
C ALA C 157 11.42 -3.50 -37.02
N ARG C 158 10.21 -3.43 -37.51
CA ARG C 158 9.74 -2.24 -38.20
C ARG C 158 8.64 -1.67 -37.33
N PRO C 159 9.01 -1.01 -36.19
CA PRO C 159 7.94 -0.43 -35.38
C PRO C 159 7.07 0.47 -36.25
N LYS C 160 5.78 0.14 -36.33
CA LYS C 160 4.80 0.91 -37.13
C LYS C 160 3.97 1.88 -36.22
N PRO C 161 4.39 3.18 -36.13
CA PRO C 161 3.61 4.05 -35.22
C PRO C 161 2.15 4.19 -35.66
N LYS C 162 1.25 4.47 -34.71
CA LYS C 162 -0.17 4.77 -35.03
C LYS C 162 -0.62 6.12 -34.41
N PRO C 163 0.01 7.24 -34.80
CA PRO C 163 -0.24 8.56 -34.19
C PRO C 163 -1.61 9.19 -34.49
N GLY C 164 -2.14 9.93 -33.51
CA GLY C 164 -3.41 10.62 -33.65
C GLY C 164 -3.33 11.81 -34.58
N ASP C 165 -4.49 12.40 -34.85
CA ASP C 165 -4.62 13.61 -35.68
C ASP C 165 -4.07 14.77 -34.86
N GLY C 166 -3.21 15.59 -35.45
CA GLY C 166 -2.49 16.62 -34.70
C GLY C 166 -1.19 16.17 -34.05
N GLU C 167 -1.05 14.88 -33.73
CA GLU C 167 0.20 14.35 -33.16
C GLU C 167 1.28 14.13 -34.23
N PHE C 168 2.41 14.84 -34.09
CA PHE C 168 3.55 14.69 -35.03
C PHE C 168 4.89 14.42 -34.30
N VAL C 169 5.42 13.22 -34.45
CA VAL C 169 6.39 12.65 -33.55
C VAL C 169 7.51 11.99 -34.35
N GLU C 170 8.73 12.42 -34.09
CA GLU C 170 9.92 11.74 -34.58
C GLU C 170 10.55 10.98 -33.37
N VAL C 171 11.05 9.79 -33.63
CA VAL C 171 11.50 8.85 -32.63
C VAL C 171 13.04 8.87 -32.69
N ILE C 172 13.66 9.15 -31.54
CA ILE C 172 15.10 9.01 -31.34
C ILE C 172 15.32 7.83 -30.38
N SER C 173 16.38 7.04 -30.57
CA SER C 173 16.77 6.00 -29.62
C SER C 173 18.21 6.25 -29.25
N LEU C 174 18.48 6.50 -27.97
CA LEU C 174 19.85 6.79 -27.57
C LEU C 174 20.35 5.70 -26.65
N PRO C 175 21.66 5.35 -26.73
CA PRO C 175 22.21 4.35 -25.84
C PRO C 175 22.12 4.81 -24.37
N LYS C 176 21.69 3.90 -23.51
CA LYS C 176 21.51 4.16 -22.10
C LYS C 176 22.84 4.60 -21.56
N ASN C 177 23.88 3.86 -21.99
CA ASN C 177 25.23 4.03 -21.48
C ASN C 177 25.94 5.27 -21.98
N ASP C 178 25.30 6.12 -22.77
CA ASP C 178 25.89 7.44 -23.11
C ASP C 178 24.82 8.52 -23.27
N LEU C 179 23.75 8.41 -22.48
CA LEU C 179 22.55 9.22 -22.68
C LEU C 179 22.84 10.72 -22.64
N LEU C 180 23.51 11.18 -21.58
CA LEU C 180 23.70 12.58 -21.30
C LEU C 180 24.50 13.20 -22.44
N GLN C 181 25.61 12.55 -22.80
CA GLN C 181 26.47 12.99 -23.94
C GLN C 181 25.65 13.12 -25.19
N ARG C 182 24.87 12.10 -25.49
CA ARG C 182 24.05 12.14 -26.72
C ARG C 182 22.97 13.18 -26.73
N LEU C 183 22.38 13.47 -25.57
CA LEU C 183 21.40 14.56 -25.47
C LEU C 183 22.13 15.92 -25.59
N ASP C 184 23.27 16.08 -24.92
CA ASP C 184 24.06 17.32 -24.97
C ASP C 184 24.47 17.59 -26.45
N ALA C 185 24.70 16.55 -27.23
CA ALA C 185 25.03 16.73 -28.64
C ALA C 185 23.84 17.02 -29.57
N LEU C 186 22.62 16.57 -29.24
CA LEU C 186 21.41 17.06 -29.96
C LEU C 186 21.11 18.49 -29.68
N VAL C 187 21.28 18.90 -28.42
CA VAL C 187 21.12 20.29 -28.04
C VAL C 187 22.12 21.17 -28.86
N ALA C 188 23.34 20.69 -29.06
CA ALA C 188 24.34 21.48 -29.79
C ALA C 188 23.98 21.54 -31.28
N GLU C 189 23.70 20.37 -31.86
CA GLU C 189 23.38 20.28 -33.29
C GLU C 189 22.09 21.00 -33.72
N GLU C 190 21.06 21.12 -32.85
CA GLU C 190 19.81 21.86 -33.17
C GLU C 190 19.33 22.69 -32.02
N HIS C 191 18.48 23.68 -32.29
CA HIS C 191 17.79 24.34 -31.18
C HIS C 191 16.61 23.47 -30.81
N LEU C 192 16.88 22.50 -29.96
CA LEU C 192 15.85 21.75 -29.27
C LEU C 192 16.08 21.81 -27.76
N THR C 193 15.01 21.57 -27.02
CA THR C 193 14.99 21.62 -25.55
C THR C 193 14.78 20.18 -25.00
N VAL C 194 15.64 19.73 -24.09
CA VAL C 194 15.40 18.45 -23.41
C VAL C 194 14.46 18.62 -22.23
N ASP C 195 13.56 17.68 -22.09
CA ASP C 195 12.67 17.66 -20.96
C ASP C 195 13.44 17.45 -19.64
N ALA C 196 13.01 18.10 -18.60
CA ALA C 196 13.66 17.99 -17.29
C ALA C 196 13.72 16.58 -16.65
N ARG C 197 12.67 15.77 -16.82
CA ARG C 197 12.70 14.40 -16.41
C ARG C 197 13.67 13.59 -17.19
N VAL C 198 13.77 13.81 -18.49
CA VAL C 198 14.67 13.03 -19.30
C VAL C 198 16.09 13.41 -18.86
N TYR C 199 16.33 14.69 -18.70
CA TYR C 199 17.64 15.13 -18.30
C TYR C 199 18.05 14.61 -16.89
N SER C 200 17.11 14.57 -15.94
CA SER C 200 17.44 14.10 -14.60
C SER C 200 17.77 12.65 -14.68
N TYR C 201 16.99 11.90 -15.46
CA TYR C 201 17.26 10.48 -15.65
C TYR C 201 18.68 10.29 -16.19
N ALA C 202 18.99 11.07 -17.19
CA ALA C 202 20.30 10.94 -17.86
C ALA C 202 21.44 11.31 -16.92
N LEU C 203 21.23 12.31 -16.09
CA LEU C 203 22.30 12.70 -15.13
C LEU C 203 22.57 11.54 -14.15
N ALA C 204 21.48 10.93 -13.64
CA ALA C 204 21.61 9.82 -12.69
C ALA C 204 22.32 8.59 -13.31
N LEU C 205 22.05 8.30 -14.57
CA LEU C 205 22.73 7.20 -15.27
C LEU C 205 24.25 7.50 -15.21
N LYS C 206 24.63 8.74 -15.48
CA LYS C 206 26.05 9.10 -15.37
C LYS C 206 26.57 9.03 -13.91
N HIS C 207 25.84 9.58 -12.95
CA HIS C 207 26.28 9.61 -11.56
C HIS C 207 26.32 8.25 -10.84
N ALA C 208 25.63 7.23 -11.34
CA ALA C 208 25.57 5.96 -10.66
C ALA C 208 26.92 5.30 -10.47
N LYS D 15 10.13 23.15 -39.37
CA LYS D 15 8.88 22.76 -40.06
C LYS D 15 7.59 23.41 -39.49
N GLN D 16 7.31 23.26 -38.20
CA GLN D 16 6.16 23.89 -37.52
C GLN D 16 6.57 25.19 -36.94
N TYR D 17 5.65 26.12 -36.73
CA TYR D 17 6.04 27.48 -36.27
C TYR D 17 4.88 28.10 -35.57
N ILE D 18 5.15 29.08 -34.74
CA ILE D 18 4.13 29.80 -33.98
C ILE D 18 3.58 30.91 -34.90
N ILE D 19 2.27 30.98 -35.07
CA ILE D 19 1.59 32.00 -35.89
C ILE D 19 1.26 33.19 -34.97
N SER D 20 0.69 32.96 -33.80
CA SER D 20 0.40 34.08 -32.87
C SER D 20 0.18 33.61 -31.48
N GLU D 21 0.27 34.55 -30.55
CA GLU D 21 0.04 34.31 -29.12
C GLU D 21 -0.91 35.38 -28.57
N GLU D 22 -2.13 34.95 -28.23
CA GLU D 22 -3.15 35.77 -27.64
C GLU D 22 -3.20 35.61 -26.10
N LEU D 23 -2.81 36.66 -25.36
CA LEU D 23 -3.02 36.68 -23.90
C LEU D 23 -4.49 36.42 -23.58
N ILE D 24 -4.78 35.42 -22.73
CA ILE D 24 -6.15 35.06 -22.29
C ILE D 24 -6.41 35.65 -20.90
N SER D 25 -5.46 35.49 -19.99
CA SER D 25 -5.54 36.08 -18.65
C SER D 25 -4.17 36.05 -17.98
N GLU D 26 -3.90 37.07 -17.16
CA GLU D 26 -2.58 37.45 -16.67
C GLU D 26 -2.65 37.81 -15.19
N GLY D 27 -1.89 37.12 -14.33
CA GLY D 27 -1.88 37.38 -12.85
C GLY D 27 -0.53 37.98 -12.46
N LYS D 28 -0.18 37.97 -11.16
CA LYS D 28 1.14 38.51 -10.69
C LYS D 28 2.30 37.63 -11.11
N TRP D 29 2.11 36.30 -11.09
CA TRP D 29 3.15 35.33 -11.44
C TRP D 29 2.95 34.56 -12.76
N VAL D 30 1.70 34.27 -13.14
CA VAL D 30 1.39 33.32 -14.23
C VAL D 30 0.46 33.99 -15.25
N LYS D 31 0.51 33.57 -16.52
CA LYS D 31 -0.41 34.03 -17.56
C LYS D 31 -0.84 32.82 -18.37
N LEU D 32 -2.00 32.93 -18.97
CA LEU D 32 -2.57 31.91 -19.80
C LEU D 32 -2.65 32.49 -21.22
N GLU D 33 -2.28 31.75 -22.25
CA GLU D 33 -2.27 32.26 -23.62
C GLU D 33 -2.96 31.29 -24.52
N LYS D 34 -3.44 31.82 -25.64
CA LYS D 34 -3.96 30.99 -26.74
C LYS D 34 -2.91 31.06 -27.85
N THR D 35 -2.30 29.93 -28.11
CA THR D 35 -1.22 29.85 -29.08
C THR D 35 -1.75 29.28 -30.42
N THR D 36 -1.53 30.00 -31.52
CA THR D 36 -1.85 29.46 -32.84
C THR D 36 -0.60 29.01 -33.53
N TYR D 37 -0.66 27.92 -34.24
CA TYR D 37 0.57 27.42 -34.87
C TYR D 37 0.27 26.58 -36.09
N MET D 38 1.27 26.48 -36.95
CA MET D 38 1.15 25.67 -38.12
C MET D 38 1.82 24.35 -37.89
N ASP D 39 1.09 23.27 -38.20
CA ASP D 39 1.58 21.91 -38.18
C ASP D 39 2.33 21.56 -39.47
N PRO D 40 2.95 20.36 -39.54
CA PRO D 40 3.70 20.00 -40.75
C PRO D 40 2.83 19.87 -42.00
N THR D 41 1.68 19.18 -41.88
CA THR D 41 0.69 18.99 -42.98
C THR D 41 0.20 20.31 -43.60
N GLY D 42 0.31 21.40 -42.85
CA GLY D 42 -0.10 22.72 -43.30
C GLY D 42 -1.36 23.22 -42.57
N LYS D 43 -1.99 22.37 -41.75
CA LYS D 43 -3.20 22.80 -41.00
C LYS D 43 -2.80 23.77 -39.85
N THR D 44 -3.47 24.90 -39.80
CA THR D 44 -3.39 25.74 -38.63
C THR D 44 -4.06 24.98 -37.50
N ARG D 45 -3.50 25.12 -36.28
CA ARG D 45 -4.12 24.63 -35.01
C ARG D 45 -3.92 25.61 -33.87
N THR D 46 -4.61 25.36 -32.76
CA THR D 46 -4.37 26.16 -31.55
C THR D 46 -4.03 25.27 -30.33
N TRP D 47 -3.60 25.92 -29.25
CA TRP D 47 -3.10 25.29 -27.97
C TRP D 47 -3.24 26.29 -26.86
N GLU D 48 -3.57 25.87 -25.64
CA GLU D 48 -3.59 26.79 -24.50
C GLU D 48 -2.35 26.49 -23.70
N SER D 49 -1.65 27.56 -23.34
CA SER D 49 -0.30 27.56 -22.76
C SER D 49 -0.25 28.46 -21.55
N VAL D 50 0.60 28.09 -20.60
CA VAL D 50 0.87 28.80 -19.38
C VAL D 50 2.33 29.33 -19.45
N LYS D 51 2.55 30.56 -19.02
CA LYS D 51 3.90 31.15 -18.93
C LYS D 51 4.00 31.91 -17.65
N ARG D 52 5.22 32.01 -17.13
CA ARG D 52 5.49 32.83 -15.95
C ARG D 52 5.73 34.23 -16.45
N THR D 53 5.54 35.20 -15.55
CA THR D 53 5.66 36.62 -15.86
C THR D 53 6.93 37.19 -15.25
N THR D 54 7.95 36.35 -15.05
CA THR D 54 9.08 36.64 -14.11
C THR D 54 10.45 36.74 -14.79
N ALA D 60 16.75 30.94 -18.40
CA ALA D 60 15.69 30.10 -17.83
C ALA D 60 14.90 30.70 -16.65
N ASP D 61 13.72 30.14 -16.34
CA ASP D 61 12.99 30.63 -15.16
C ASP D 61 13.74 30.40 -13.83
N GLY D 62 14.30 29.22 -13.67
CA GLY D 62 14.89 28.81 -12.43
C GLY D 62 15.99 27.80 -12.52
N VAL D 63 16.37 27.37 -11.30
CA VAL D 63 17.28 26.27 -11.10
C VAL D 63 16.68 25.24 -10.17
N ALA D 64 17.10 24.00 -10.37
CA ALA D 64 16.92 22.95 -9.39
C ALA D 64 18.25 22.38 -9.15
N VAL D 65 18.53 22.09 -7.88
CA VAL D 65 19.87 21.68 -7.49
C VAL D 65 19.86 20.19 -7.08
N ILE D 66 20.77 19.42 -7.63
CA ILE D 66 20.98 18.02 -7.23
C ILE D 66 22.24 18.00 -6.32
N PRO D 67 22.02 17.99 -5.02
CA PRO D 67 23.14 18.18 -4.12
C PRO D 67 23.60 16.79 -3.49
N VAL D 68 24.84 16.43 -3.73
CA VAL D 68 25.42 15.14 -3.39
C VAL D 68 26.36 15.42 -2.18
N LEU D 69 25.91 15.06 -1.01
CA LEU D 69 26.70 15.20 0.24
C LEU D 69 27.62 14.02 0.33
N GLN D 70 28.93 14.35 0.16
CA GLN D 70 30.04 13.42 0.11
C GLN D 70 30.93 13.54 1.38
N ARG D 71 31.40 12.40 1.87
CA ARG D 71 32.17 12.34 3.14
C ARG D 71 32.94 11.06 3.08
N THR D 72 34.24 11.15 3.33
CA THR D 72 35.09 10.00 3.22
C THR D 72 34.60 8.88 4.15
N LEU D 73 34.68 7.65 3.63
CA LEU D 73 34.31 6.48 4.36
C LEU D 73 32.79 6.40 4.60
N HIS D 74 32.01 7.27 3.97
CA HIS D 74 30.54 7.18 4.07
C HIS D 74 29.89 7.12 2.67
N TYR D 75 28.69 6.55 2.59
CA TYR D 75 27.89 6.61 1.33
C TYR D 75 27.45 8.07 1.06
N GLU D 76 27.18 8.38 -0.20
CA GLU D 76 26.74 9.73 -0.54
C GLU D 76 25.32 9.84 -0.23
N CYS D 77 24.90 11.06 0.05
CA CYS D 77 23.49 11.31 0.25
C CYS D 77 23.10 12.39 -0.75
N ILE D 78 21.83 12.37 -1.10
CA ILE D 78 21.20 13.37 -1.99
C ILE D 78 20.35 14.17 -1.01
N VAL D 79 20.57 15.45 -1.04
CA VAL D 79 19.91 16.35 -0.12
C VAL D 79 18.62 16.88 -0.79
N LEU D 80 17.45 16.55 -0.25
CA LEU D 80 16.20 16.99 -0.78
C LEU D 80 15.52 17.98 0.19
N VAL D 81 14.37 18.57 -0.20
CA VAL D 81 13.57 19.39 0.67
C VAL D 81 12.09 19.04 0.58
N LYS D 82 11.35 19.22 1.68
CA LYS D 82 9.92 19.01 1.73
C LYS D 82 9.33 20.34 2.11
N GLN D 83 8.19 20.62 1.48
CA GLN D 83 7.46 21.86 1.72
C GLN D 83 6.04 21.73 1.26
N PHE D 84 5.16 22.52 1.86
CA PHE D 84 3.82 22.63 1.42
C PHE D 84 3.75 23.38 0.05
N ARG D 85 3.10 22.76 -0.95
CA ARG D 85 2.89 23.33 -2.26
C ARG D 85 1.43 23.67 -2.48
N PRO D 86 1.10 24.99 -2.35
CA PRO D 86 -0.26 25.40 -2.61
C PRO D 86 -0.86 24.87 -3.87
N PRO D 87 -0.10 24.85 -5.02
CA PRO D 87 -0.85 24.33 -6.13
C PRO D 87 -1.26 22.81 -6.02
N MET D 88 -0.41 22.03 -5.34
CA MET D 88 -0.63 20.59 -5.06
C MET D 88 -1.56 20.33 -3.87
N GLY D 89 -1.76 21.34 -3.04
CA GLY D 89 -2.63 21.17 -1.91
C GLY D 89 -2.03 20.31 -0.80
N GLY D 90 -0.72 20.18 -0.75
CA GLY D 90 -0.09 19.24 0.17
C GLY D 90 1.41 19.37 0.07
N TYR D 91 2.13 18.54 0.83
CA TYR D 91 3.55 18.57 0.91
C TYR D 91 4.17 17.74 -0.26
N CYS D 92 5.38 18.16 -0.62
CA CYS D 92 6.05 17.68 -1.80
C CYS D 92 7.47 17.51 -1.43
N ILE D 93 8.14 16.45 -1.94
CA ILE D 93 9.58 16.28 -1.75
C ILE D 93 10.28 16.55 -3.06
N GLU D 94 11.33 17.41 -3.04
CA GLU D 94 11.84 17.99 -4.26
C GLU D 94 13.31 18.19 -4.14
N PHE D 95 13.99 18.38 -5.25
CA PHE D 95 15.35 18.92 -5.18
C PHE D 95 15.21 20.40 -4.76
N PRO D 96 16.22 20.98 -4.10
CA PRO D 96 16.11 22.41 -3.78
C PRO D 96 16.11 23.22 -5.05
N ALA D 97 15.39 24.34 -5.06
CA ALA D 97 15.09 24.98 -6.35
C ALA D 97 14.71 26.38 -6.07
N GLY D 98 14.98 27.27 -6.99
CA GLY D 98 14.36 28.61 -6.87
C GLY D 98 14.53 29.37 -8.14
N LEU D 99 13.82 30.50 -8.21
CA LEU D 99 13.95 31.37 -9.38
C LEU D 99 15.34 32.01 -9.37
N ILE D 100 15.89 32.24 -10.55
CA ILE D 100 17.21 32.88 -10.72
C ILE D 100 17.01 34.40 -10.68
N ASP D 101 17.83 35.10 -9.90
CA ASP D 101 17.59 36.53 -9.68
C ASP D 101 18.03 37.25 -10.99
N ASP D 102 17.44 38.43 -11.29
CA ASP D 102 17.94 39.32 -12.40
C ASP D 102 19.44 39.48 -12.26
N GLY D 103 20.19 39.23 -13.33
CA GLY D 103 21.66 39.37 -13.32
C GLY D 103 22.48 38.21 -12.73
N GLU D 104 21.82 37.18 -12.20
CA GLU D 104 22.56 36.13 -11.46
C GLU D 104 22.77 34.97 -12.44
N THR D 105 23.95 34.36 -12.44
CA THR D 105 24.21 33.20 -13.30
C THR D 105 23.43 31.96 -12.69
N PRO D 106 23.14 30.93 -13.51
CA PRO D 106 22.49 29.70 -12.98
C PRO D 106 23.30 29.04 -11.81
N GLU D 107 24.61 28.89 -12.01
CA GLU D 107 25.55 28.35 -11.02
C GLU D 107 25.52 29.09 -9.70
N ALA D 108 25.54 30.44 -9.74
CA ALA D 108 25.49 31.24 -8.52
C ALA D 108 24.15 31.05 -7.90
N ALA D 109 23.08 31.04 -8.71
CA ALA D 109 21.73 30.88 -8.11
C ALA D 109 21.61 29.51 -7.41
N ALA D 110 22.22 28.51 -7.99
CA ALA D 110 22.17 27.15 -7.40
C ALA D 110 22.84 27.13 -6.02
N LEU D 111 24.06 27.68 -5.92
CA LEU D 111 24.74 27.71 -4.61
C LEU D 111 23.97 28.54 -3.60
N ARG D 112 23.43 29.68 -4.04
CA ARG D 112 22.72 30.52 -3.14
C ARG D 112 21.51 29.81 -2.67
N GLU D 113 20.77 29.22 -3.60
CA GLU D 113 19.55 28.51 -3.24
C GLU D 113 19.85 27.26 -2.40
N LEU D 114 20.92 26.56 -2.71
CA LEU D 114 21.33 25.42 -1.86
C LEU D 114 21.55 25.88 -0.39
N GLU D 115 22.37 26.92 -0.19
CA GLU D 115 22.53 27.57 1.15
C GLU D 115 21.21 28.04 1.82
N GLU D 116 20.36 28.77 1.12
CA GLU D 116 19.14 29.23 1.74
C GLU D 116 18.26 28.11 2.21
N GLU D 117 18.12 27.09 1.38
CA GLU D 117 17.17 26.07 1.75
C GLU D 117 17.74 25.02 2.75
N THR D 118 19.03 24.84 2.78
CA THR D 118 19.64 23.73 3.53
C THR D 118 20.89 24.06 4.38
N GLY D 119 21.52 25.22 4.21
CA GLY D 119 22.78 25.59 4.95
C GLY D 119 24.05 25.19 4.25
N TYR D 120 24.02 24.21 3.29
CA TYR D 120 25.27 23.66 2.78
C TYR D 120 25.95 24.59 1.80
N LYS D 121 27.28 24.61 1.86
CA LYS D 121 28.15 25.29 0.89
C LYS D 121 28.78 24.29 -0.10
N GLY D 122 28.43 24.39 -1.38
CA GLY D 122 28.78 23.40 -2.35
C GLY D 122 29.66 23.94 -3.39
N ASP D 123 30.12 23.03 -4.22
CA ASP D 123 30.88 23.31 -5.38
C ASP D 123 30.06 22.88 -6.59
N ILE D 124 30.12 23.68 -7.65
CA ILE D 124 29.47 23.34 -8.91
C ILE D 124 30.20 22.14 -9.53
N ALA D 125 29.45 21.10 -9.86
CA ALA D 125 30.01 19.96 -10.59
C ALA D 125 29.67 20.10 -12.05
N GLU D 126 28.41 20.43 -12.33
CA GLU D 126 27.94 20.59 -13.74
C GLU D 126 26.60 21.31 -13.77
N CYS D 127 26.28 21.88 -14.92
CA CYS D 127 25.09 22.73 -15.11
C CYS D 127 24.46 22.36 -16.44
N SER D 128 23.20 21.94 -16.42
CA SER D 128 22.49 21.70 -17.66
C SER D 128 22.20 22.98 -18.48
N PRO D 129 21.97 22.82 -19.78
CA PRO D 129 21.18 23.82 -20.54
C PRO D 129 19.78 23.95 -19.96
N ALA D 130 18.98 24.86 -20.52
CA ALA D 130 17.65 25.10 -20.01
C ALA D 130 16.81 23.92 -20.42
N VAL D 131 16.11 23.32 -19.47
CA VAL D 131 15.33 22.10 -19.79
C VAL D 131 13.92 22.46 -19.47
N CYS D 132 12.94 21.86 -20.17
CA CYS D 132 11.53 22.18 -19.96
C CYS D 132 10.80 21.42 -18.85
N MET D 133 10.00 22.14 -18.08
CA MET D 133 9.33 21.54 -16.95
C MET D 133 8.12 20.70 -17.32
N ASP D 134 7.26 21.22 -18.18
CA ASP D 134 6.03 20.55 -18.60
C ASP D 134 5.63 21.07 -19.96
N PRO D 135 6.24 20.57 -21.06
CA PRO D 135 6.25 21.40 -22.26
C PRO D 135 4.94 21.34 -22.99
N GLY D 136 4.15 20.28 -22.76
CA GLY D 136 2.76 20.21 -23.20
C GLY D 136 1.85 21.31 -22.58
N LEU D 137 2.28 21.95 -21.52
CA LEU D 137 1.45 22.88 -20.78
C LEU D 137 2.02 24.24 -20.63
N SER D 138 3.33 24.36 -20.44
CA SER D 138 3.91 25.62 -19.99
C SER D 138 5.19 25.79 -20.71
N ASN D 139 5.72 27.02 -20.68
CA ASN D 139 7.01 27.27 -21.33
C ASN D 139 8.11 27.28 -20.31
N CYS D 140 7.80 26.82 -19.11
CA CYS D 140 8.73 26.94 -18.00
C CYS D 140 9.97 26.09 -18.18
N THR D 141 11.13 26.68 -17.84
CA THR D 141 12.35 25.98 -17.93
C THR D 141 13.24 26.21 -16.68
N ILE D 142 14.14 25.27 -16.46
CA ILE D 142 15.16 25.39 -15.38
C ILE D 142 16.49 24.96 -15.94
N HIS D 143 17.53 25.38 -15.21
CA HIS D 143 18.79 24.70 -15.29
C HIS D 143 18.85 23.68 -14.12
N ILE D 144 19.28 22.46 -14.40
CA ILE D 144 19.55 21.45 -13.38
C ILE D 144 21.04 21.51 -13.04
N VAL D 145 21.38 21.86 -11.79
CA VAL D 145 22.78 22.14 -11.44
C VAL D 145 23.20 21.10 -10.41
N THR D 146 24.15 20.29 -10.79
CA THR D 146 24.68 19.20 -9.95
C THR D 146 25.71 19.84 -9.03
N VAL D 147 25.49 19.77 -7.70
CA VAL D 147 26.36 20.40 -6.69
C VAL D 147 26.93 19.32 -5.73
N THR D 148 28.27 19.23 -5.64
CA THR D 148 28.91 18.37 -4.63
C THR D 148 29.11 19.19 -3.38
N ILE D 149 28.73 18.62 -2.23
CA ILE D 149 28.97 19.18 -0.94
C ILE D 149 30.11 18.38 -0.28
N ASN D 150 31.26 19.04 -0.04
CA ASN D 150 32.31 18.43 0.82
C ASN D 150 31.86 18.42 2.25
N GLY D 151 31.20 17.33 2.62
CA GLY D 151 30.76 17.13 3.99
C GLY D 151 31.92 17.06 5.04
N ASP D 152 33.16 16.85 4.64
CA ASP D 152 34.27 16.82 5.63
C ASP D 152 34.84 18.22 6.01
N ASP D 153 34.17 19.30 5.59
CA ASP D 153 34.48 20.68 6.01
C ASP D 153 33.61 21.14 7.18
N ALA D 154 34.26 21.87 8.09
CA ALA D 154 33.60 22.50 9.23
C ALA D 154 32.33 23.28 8.87
N GLU D 155 32.39 24.06 7.80
CA GLU D 155 31.25 24.89 7.38
C GLU D 155 30.02 24.03 7.07
N ASN D 156 30.27 22.80 6.60
CA ASN D 156 29.21 21.80 6.39
C ASN D 156 28.94 20.81 7.53
N ALA D 157 29.52 21.07 8.71
CA ALA D 157 29.26 20.29 9.93
C ALA D 157 27.91 20.61 10.54
N ARG D 158 27.62 21.91 10.68
CA ARG D 158 26.44 22.38 11.44
C ARG D 158 25.55 23.30 10.60
N PRO D 159 25.22 22.90 9.35
CA PRO D 159 24.67 23.81 8.34
C PRO D 159 23.40 24.54 8.79
N LYS D 160 23.37 25.86 8.59
CA LYS D 160 22.25 26.75 8.99
C LYS D 160 21.37 27.22 7.78
N PRO D 161 20.13 26.68 7.61
CA PRO D 161 19.28 27.27 6.55
C PRO D 161 18.87 28.67 6.92
N LYS D 162 18.74 29.54 5.93
CA LYS D 162 18.18 30.86 6.14
C LYS D 162 17.09 31.13 5.08
N PRO D 163 15.83 30.90 5.45
CA PRO D 163 14.71 31.21 4.55
C PRO D 163 14.17 32.65 4.70
N GLY D 164 13.60 33.16 3.60
CA GLY D 164 12.91 34.44 3.61
C GLY D 164 11.46 34.27 4.01
N ASP D 165 10.71 35.37 3.99
CA ASP D 165 9.34 35.41 4.53
C ASP D 165 8.52 34.42 3.74
N GLY D 166 7.64 33.71 4.43
CA GLY D 166 6.76 32.72 3.81
C GLY D 166 7.34 31.42 3.31
N GLU D 167 8.65 31.17 3.51
CA GLU D 167 9.31 29.93 3.02
C GLU D 167 9.58 28.98 4.18
N PHE D 168 8.94 27.81 4.13
CA PHE D 168 9.05 26.81 5.20
C PHE D 168 9.55 25.49 4.58
N VAL D 169 10.77 25.07 4.95
CA VAL D 169 11.50 23.99 4.26
C VAL D 169 12.25 23.04 5.19
N GLU D 170 11.87 21.75 5.11
CA GLU D 170 12.44 20.67 5.92
C GLU D 170 13.41 19.97 5.00
N VAL D 171 14.63 19.81 5.46
CA VAL D 171 15.70 19.14 4.75
C VAL D 171 15.48 17.63 5.03
N ILE D 172 15.61 16.83 3.97
CA ILE D 172 15.44 15.38 4.05
C ILE D 172 16.60 14.88 3.23
N SER D 173 17.63 14.39 3.90
CA SER D 173 18.82 13.85 3.24
C SER D 173 18.58 12.33 3.14
N LEU D 174 18.65 11.77 1.93
CA LEU D 174 18.46 10.33 1.75
C LEU D 174 19.70 9.75 1.17
N PRO D 175 20.00 8.48 1.54
CA PRO D 175 21.11 7.82 0.95
C PRO D 175 20.95 7.61 -0.58
N LYS D 176 21.96 7.95 -1.33
CA LYS D 176 21.99 7.77 -2.75
C LYS D 176 21.81 6.30 -3.22
N ASN D 177 22.58 5.42 -2.61
CA ASN D 177 22.50 4.00 -2.82
C ASN D 177 21.10 3.34 -2.68
N ASP D 178 20.16 3.89 -1.94
CA ASP D 178 18.83 3.29 -1.83
C ASP D 178 17.74 4.32 -2.06
N LEU D 179 18.01 5.33 -2.90
CA LEU D 179 17.10 6.47 -3.02
C LEU D 179 15.67 6.05 -3.39
N LEU D 180 15.54 5.21 -4.42
CA LEU D 180 14.23 4.89 -4.94
C LEU D 180 13.38 4.26 -3.85
N GLN D 181 13.90 3.25 -3.11
CA GLN D 181 13.11 2.54 -2.05
C GLN D 181 12.73 3.48 -0.91
N ARG D 182 13.67 4.37 -0.56
CA ARG D 182 13.38 5.35 0.50
C ARG D 182 12.27 6.25 0.09
N LEU D 183 12.21 6.67 -1.17
CA LEU D 183 11.13 7.48 -1.67
C LEU D 183 9.82 6.72 -1.67
N ASP D 184 9.82 5.49 -2.18
CA ASP D 184 8.61 4.68 -2.18
C ASP D 184 8.04 4.51 -0.77
N ALA D 185 8.90 4.33 0.20
CA ALA D 185 8.52 4.07 1.59
C ALA D 185 7.81 5.31 2.21
N LEU D 186 8.40 6.49 1.98
CA LEU D 186 7.80 7.78 2.39
C LEU D 186 6.42 7.95 1.81
N VAL D 187 6.26 7.61 0.55
CA VAL D 187 4.98 7.72 -0.13
C VAL D 187 3.94 6.73 0.46
N ALA D 188 4.39 5.53 0.84
CA ALA D 188 3.49 4.49 1.38
C ALA D 188 3.00 4.83 2.82
N GLU D 189 3.79 5.64 3.55
CA GLU D 189 3.47 6.00 4.92
C GLU D 189 2.88 7.39 5.13
N GLU D 190 3.25 8.39 4.31
CA GLU D 190 2.99 9.80 4.65
C GLU D 190 2.44 10.65 3.56
N HIS D 191 1.16 11.01 3.64
CA HIS D 191 0.56 12.14 2.93
C HIS D 191 1.64 13.11 2.35
N LEU D 192 2.29 12.71 1.24
CA LEU D 192 3.16 13.64 0.51
C LEU D 192 3.28 13.16 -0.96
N THR D 193 3.79 14.05 -1.81
CA THR D 193 4.09 13.73 -3.21
C THR D 193 5.60 13.94 -3.52
N VAL D 194 6.21 12.99 -4.23
CA VAL D 194 7.58 13.13 -4.63
C VAL D 194 7.52 13.77 -6.01
N ASP D 195 8.53 14.57 -6.32
CA ASP D 195 8.57 15.30 -7.57
C ASP D 195 9.07 14.37 -8.65
N ALA D 196 8.58 14.59 -9.86
CA ALA D 196 8.94 13.76 -11.02
C ALA D 196 10.39 13.73 -11.38
N ARG D 197 11.07 14.86 -11.28
N ARG D 197 11.07 14.87 -11.30
CA ARG D 197 12.51 14.86 -11.53
CA ARG D 197 12.52 14.89 -11.50
C ARG D 197 13.29 14.04 -10.49
C ARG D 197 13.28 14.03 -10.50
N VAL D 198 12.91 14.13 -9.22
CA VAL D 198 13.56 13.32 -8.16
C VAL D 198 13.30 11.83 -8.39
N TYR D 199 12.05 11.48 -8.72
CA TYR D 199 11.74 10.10 -8.96
C TYR D 199 12.47 9.56 -10.25
N SER D 200 12.63 10.38 -11.28
CA SER D 200 13.31 9.95 -12.51
C SER D 200 14.79 9.82 -12.23
N TYR D 201 15.34 10.74 -11.44
CA TYR D 201 16.73 10.54 -10.91
C TYR D 201 16.92 9.24 -10.14
N ALA D 202 16.03 8.95 -9.18
CA ALA D 202 16.16 7.74 -8.36
C ALA D 202 15.99 6.42 -9.23
N LEU D 203 15.08 6.47 -10.21
CA LEU D 203 14.88 5.36 -11.15
C LEU D 203 16.16 5.05 -11.89
N ALA D 204 16.75 6.07 -12.50
CA ALA D 204 18.02 5.94 -13.23
C ALA D 204 19.18 5.39 -12.42
N LEU D 205 19.24 5.66 -11.10
CA LEU D 205 20.36 5.16 -10.26
C LEU D 205 20.24 3.66 -10.26
N LYS D 206 18.99 3.14 -10.35
CA LYS D 206 18.80 1.69 -10.42
C LYS D 206 18.99 1.13 -11.83
N HIS D 207 18.51 1.87 -12.82
CA HIS D 207 18.56 1.36 -14.24
C HIS D 207 19.91 1.35 -14.79
N ALA D 208 20.78 2.24 -14.30
CA ALA D 208 22.19 2.27 -14.74
C ALA D 208 22.89 0.93 -14.71
N ASN D 209 23.81 0.75 -15.66
CA ASN D 209 24.59 -0.51 -15.81
C ASN D 209 23.71 -1.73 -16.01
#